data_1BD2
#
_entry.id   1BD2
#
_cell.length_a   63.800
_cell.length_b   73.300
_cell.length_c   217.700
_cell.angle_alpha   90.00
_cell.angle_beta   90.00
_cell.angle_gamma   90.00
#
_symmetry.space_group_name_H-M   'P 21 21 21'
#
loop_
_entity.id
_entity.type
_entity.pdbx_description
1 polymer 'HLA-A 0201'
2 polymer 'BETA-2 MICROGLOBULIN'
3 polymer 'TAX PEPTIDE'
4 polymer 'T CELL RECEPTOR ALPHA'
5 polymer 'T CELL RECEPTOR BETA'
6 water water
#
loop_
_entity_poly.entity_id
_entity_poly.type
_entity_poly.pdbx_seq_one_letter_code
_entity_poly.pdbx_strand_id
1 'polypeptide(L)'
;GSHSMRYFFTSVSRPGRGEPRFIAVGYVDDTQFVRFDSDAASQRMEPRAPWIEQEGPEYWDGETRKVKAHSQTHRVDLGT
LRGYYNQSEAGSHTVQRMYGCDVGSDWRFLRGYHQYAYDGKDYIALKEDLRSWTAADMAAQTTKHKWEAAHVAEQLRAYL
EGTCVEWLRRYLENGKETLQRTDAPKTHMTHHAVSDHEATLRCWALSFYPAEITLTWQRDGEDQTQDTELVETRPAGDGT
FQKWAAVVVPSGQEQRYTCHVQHEGLPKPLTLRWE
;
A
2 'polypeptide(L)'
;MIQRTPKIQVYSRHPAENGKSNFLNCYVSGFHPSDIEVDLLKNGERIEKVEHSDLSFSKDWSFYLLYYTEFTPTEKDEYA
CRVNHVTLSQPKIVKWDRDM
;
B
3 'polypeptide(L)' LLFGYPVYV C
4 'polypeptide(L)'
;QQVKQNSPSLSVQEGRISILNCDYTNSMFDYFLWYKKYPAEGPTFLISISSIKDKNADGRFTVFLNKSAKHLSLHIVPSQ
PGDSAVYFCAAMEGAQKLVFGQGTRLTINPNIQNPDPAVYQLRDSKSSDKSVCLFTDFDSQTNVSQSKDSDVYITDKTVL
DMRSMDFKSNSAVAWSNKSDFACANAFNNSIIPEDTFFPSPESS
;
D
5 'polypeptide(L)'
;NAGVTQTPKFQVLKTGQSMTLQCAQDMNHEYMSWYRQDPGMGLRLIHYSVGAGITDQGEVPNGYNVSRSTTEDFPLRLLS
AAPSQTSVYFCASSYPGGGFYEQYFGPGTRLTVTEDLKNVFPPEVAVFEPSEAEISHTQKATLVCLATGFYPDHVELSWW
VNGKEVHSGVSTDPQPLKEQPALNDSRYALSSRLRVSATFWQDPRNHFRCQVQFYGLSENDEWTQDRAKPVTQIVSAEAW
GRAD
;
E
#
# COMPACT_ATOMS: atom_id res chain seq x y z
N GLY A 1 -24.48 4.31 22.84
CA GLY A 1 -24.03 5.72 22.93
C GLY A 1 -22.92 5.99 21.94
N SER A 2 -22.52 7.26 21.81
CA SER A 2 -21.44 7.67 20.93
C SER A 2 -20.15 6.92 21.19
N HIS A 3 -19.26 6.92 20.21
CA HIS A 3 -17.96 6.25 20.32
C HIS A 3 -16.97 6.98 19.44
N SER A 4 -15.69 6.72 19.67
CA SER A 4 -14.67 7.37 18.88
C SER A 4 -13.33 6.62 18.89
N MET A 5 -12.55 6.79 17.81
CA MET A 5 -11.23 6.19 17.69
C MET A 5 -10.31 7.34 17.35
N ARG A 6 -9.16 7.39 18.02
CA ARG A 6 -8.19 8.46 17.82
C ARG A 6 -6.73 7.99 17.87
N TYR A 7 -5.88 8.57 17.02
CA TYR A 7 -4.45 8.23 17.01
C TYR A 7 -3.67 9.50 17.33
N PHE A 8 -2.65 9.38 18.16
CA PHE A 8 -1.83 10.51 18.60
C PHE A 8 -0.37 10.18 18.31
N PHE A 9 0.30 11.04 17.54
CA PHE A 9 1.70 10.84 17.19
C PHE A 9 2.57 12.01 17.69
N THR A 10 3.70 11.71 18.29
CA THR A 10 4.61 12.72 18.79
C THR A 10 6.02 12.46 18.29
N SER A 11 6.66 13.47 17.70
CA SER A 11 8.01 13.32 17.20
C SER A 11 8.84 14.50 17.72
N VAL A 12 9.90 14.21 18.46
CA VAL A 12 10.77 15.25 19.02
C VAL A 12 12.16 15.08 18.43
N SER A 13 12.67 16.10 17.75
CA SER A 13 14.00 15.97 17.16
C SER A 13 15.09 15.91 18.20
N ARG A 14 16.12 15.15 17.91
CA ARG A 14 17.26 14.99 18.81
C ARG A 14 18.55 15.42 18.08
N PRO A 15 18.69 16.73 17.75
CA PRO A 15 19.89 17.21 17.07
C PRO A 15 21.15 16.70 17.74
N GLY A 16 21.99 16.02 16.98
CA GLY A 16 23.21 15.46 17.52
C GLY A 16 22.90 14.10 18.12
N ARG A 17 22.13 14.11 19.21
CA ARG A 17 21.77 12.88 19.91
C ARG A 17 21.18 11.72 19.13
N GLY A 18 20.80 11.93 17.87
CA GLY A 18 20.23 10.84 17.10
C GLY A 18 18.93 11.20 16.39
N GLU A 19 18.31 10.19 15.79
CA GLU A 19 17.07 10.39 15.08
C GLU A 19 15.93 10.79 16.01
N PRO A 20 14.96 11.57 15.53
CA PRO A 20 13.87 11.97 16.39
C PRO A 20 13.07 10.83 17.06
N ARG A 21 12.74 11.03 18.33
CA ARG A 21 11.96 10.10 19.14
C ARG A 21 10.53 10.18 18.62
N PHE A 22 9.94 9.03 18.31
CA PHE A 22 8.60 8.98 17.78
C PHE A 22 7.74 8.02 18.56
N ILE A 23 6.62 8.50 19.08
CA ILE A 23 5.69 7.62 19.80
C ILE A 23 4.35 7.74 19.13
N ALA A 24 3.63 6.63 18.98
CA ALA A 24 2.33 6.67 18.35
C ALA A 24 1.44 5.77 19.15
N VAL A 25 0.28 6.28 19.55
CA VAL A 25 -0.69 5.53 20.34
C VAL A 25 -2.07 5.72 19.76
N GLY A 26 -2.90 4.71 19.89
CA GLY A 26 -4.25 4.78 19.36
C GLY A 26 -5.22 4.42 20.47
N TYR A 27 -6.38 5.06 20.46
CA TYR A 27 -7.40 4.85 21.50
C TYR A 27 -8.77 4.66 20.91
N VAL A 28 -9.56 3.82 21.55
CA VAL A 28 -10.96 3.66 21.18
C VAL A 28 -11.57 4.18 22.48
N ASP A 29 -12.23 5.35 22.41
CA ASP A 29 -12.80 6.00 23.58
C ASP A 29 -11.62 6.30 24.53
N ASP A 30 -11.76 6.00 25.82
CA ASP A 30 -10.69 6.26 26.79
C ASP A 30 -9.75 5.09 27.00
N THR A 31 -9.86 4.07 26.15
CA THR A 31 -9.00 2.88 26.23
C THR A 31 -7.95 2.87 25.13
N GLN A 32 -6.67 2.79 25.53
CA GLN A 32 -5.56 2.73 24.58
C GLN A 32 -5.52 1.29 24.08
N PHE A 33 -5.36 1.10 22.78
CA PHE A 33 -5.31 -0.26 22.24
C PHE A 33 -4.05 -0.68 21.49
N VAL A 34 -3.37 0.27 20.83
CA VAL A 34 -2.15 -0.03 20.09
C VAL A 34 -1.08 1.02 20.36
N ARG A 35 0.17 0.66 20.09
CA ARG A 35 1.28 1.58 20.31
C ARG A 35 2.48 1.33 19.39
N PHE A 36 3.44 2.23 19.46
CA PHE A 36 4.66 2.18 18.67
C PHE A 36 5.61 3.22 19.22
N ASP A 37 6.85 2.82 19.40
CA ASP A 37 7.90 3.69 19.90
C ASP A 37 9.20 3.37 19.19
N SER A 38 9.80 4.42 18.64
CA SER A 38 11.06 4.31 17.92
C SER A 38 12.20 3.81 18.78
N ASP A 39 12.19 4.15 20.07
CA ASP A 39 13.24 3.70 20.99
C ASP A 39 12.98 2.34 21.64
N ALA A 40 11.90 1.67 21.22
CA ALA A 40 11.57 0.35 21.74
C ALA A 40 12.38 -0.67 20.94
N ALA A 41 12.35 -1.93 21.36
CA ALA A 41 13.09 -2.97 20.68
C ALA A 41 12.41 -3.53 19.43
N SER A 42 11.11 -3.82 19.54
CA SER A 42 10.37 -4.44 18.45
C SER A 42 10.32 -3.83 17.06
N GLN A 43 10.26 -2.49 16.98
CA GLN A 43 10.13 -1.79 15.70
C GLN A 43 8.84 -2.25 15.01
N ARG A 44 7.85 -2.60 15.82
CA ARG A 44 6.55 -3.06 15.34
C ARG A 44 5.45 -2.45 16.14
N MET A 45 4.26 -2.38 15.54
CA MET A 45 3.07 -1.84 16.20
C MET A 45 2.70 -2.89 17.24
N GLU A 46 2.58 -2.51 18.50
CA GLU A 46 2.25 -3.51 19.51
C GLU A 46 0.85 -3.38 20.10
N PRO A 47 0.25 -4.52 20.51
CA PRO A 47 -1.09 -4.56 21.10
C PRO A 47 -0.99 -4.10 22.55
N ARG A 48 -1.82 -3.15 22.92
CA ARG A 48 -1.85 -2.66 24.29
C ARG A 48 -3.24 -2.88 24.89
N ALA A 49 -4.04 -3.71 24.20
CA ALA A 49 -5.39 -4.07 24.62
C ALA A 49 -5.62 -5.53 24.25
N PRO A 50 -6.22 -6.33 25.14
CA PRO A 50 -6.48 -7.76 24.88
C PRO A 50 -7.36 -8.06 23.68
N TRP A 51 -8.29 -7.18 23.38
CA TRP A 51 -9.20 -7.40 22.26
C TRP A 51 -8.54 -7.26 20.90
N ILE A 52 -7.46 -6.47 20.85
CA ILE A 52 -6.71 -6.23 19.61
C ILE A 52 -5.74 -7.37 19.37
N GLU A 53 -5.32 -8.03 20.46
CA GLU A 53 -4.38 -9.15 20.36
C GLU A 53 -4.88 -10.25 19.44
N GLN A 54 -6.20 -10.35 19.27
CA GLN A 54 -6.76 -11.37 18.40
C GLN A 54 -6.54 -11.09 16.91
N GLU A 55 -6.21 -9.84 16.57
CA GLU A 55 -6.00 -9.45 15.17
C GLU A 55 -4.85 -10.17 14.49
N GLY A 56 -5.10 -10.58 13.26
CA GLY A 56 -4.12 -11.31 12.48
C GLY A 56 -2.76 -10.64 12.31
N PRO A 57 -1.74 -11.43 11.95
CA PRO A 57 -0.35 -10.98 11.74
C PRO A 57 -0.30 -9.95 10.63
N GLU A 58 -1.19 -10.11 9.65
CA GLU A 58 -1.26 -9.19 8.52
C GLU A 58 -1.58 -7.80 9.04
N TYR A 59 -2.38 -7.75 10.11
CA TYR A 59 -2.79 -6.51 10.73
C TYR A 59 -1.54 -5.91 11.31
N TRP A 60 -0.81 -6.70 12.08
CA TRP A 60 0.40 -6.17 12.68
C TRP A 60 1.47 -5.78 11.65
N ASP A 61 1.54 -6.54 10.55
CA ASP A 61 2.51 -6.24 9.51
C ASP A 61 2.06 -4.98 8.79
N GLY A 62 0.81 -4.95 8.39
CA GLY A 62 0.27 -3.78 7.71
C GLY A 62 0.27 -2.54 8.57
N GLU A 63 0.07 -2.69 9.87
CA GLU A 63 0.04 -1.54 10.75
C GLU A 63 1.43 -1.06 11.11
N THR A 64 2.38 -1.98 11.13
CA THR A 64 3.76 -1.61 11.41
C THR A 64 4.27 -0.74 10.27
N ARG A 65 3.93 -1.13 9.05
CA ARG A 65 4.36 -0.38 7.87
C ARG A 65 3.84 1.04 7.94
N LYS A 66 2.51 1.18 7.84
CA LYS A 66 1.85 2.48 7.92
C LYS A 66 2.34 3.36 9.10
N VAL A 67 2.43 2.79 10.30
CA VAL A 67 2.91 3.59 11.42
C VAL A 67 4.34 4.08 11.14
N LYS A 68 5.18 3.20 10.60
CA LYS A 68 6.56 3.59 10.27
C LYS A 68 6.49 4.70 9.20
N ALA A 69 5.47 4.66 8.34
CA ALA A 69 5.27 5.72 7.34
C ALA A 69 5.04 7.02 8.08
N HIS A 70 4.21 6.96 9.13
CA HIS A 70 3.90 8.14 9.96
C HIS A 70 5.19 8.68 10.57
N SER A 71 6.07 7.78 10.96
CA SER A 71 7.36 8.15 11.56
C SER A 71 8.22 8.93 10.58
N GLN A 72 8.42 8.35 9.40
CA GLN A 72 9.24 8.96 8.35
C GLN A 72 8.69 10.32 7.97
N THR A 73 7.37 10.41 7.87
CA THR A 73 6.74 11.67 7.51
C THR A 73 7.08 12.79 8.52
N HIS A 74 7.08 12.45 9.80
CA HIS A 74 7.39 13.46 10.80
C HIS A 74 8.86 13.83 10.82
N ARG A 75 9.73 12.84 10.61
CA ARG A 75 11.17 13.07 10.60
C ARG A 75 11.49 14.13 9.55
N VAL A 76 10.80 14.02 8.43
CA VAL A 76 10.99 14.96 7.35
C VAL A 76 10.42 16.30 7.78
N ASP A 77 9.20 16.27 8.34
CA ASP A 77 8.53 17.50 8.77
C ASP A 77 9.32 18.33 9.75
N LEU A 78 9.97 17.70 10.71
CA LEU A 78 10.74 18.46 11.69
C LEU A 78 11.67 19.45 11.01
N GLY A 79 12.44 18.95 10.04
CA GLY A 79 13.40 19.78 9.32
C GLY A 79 12.73 20.76 8.38
N THR A 80 11.71 20.27 7.67
CA THR A 80 10.94 21.10 6.75
C THR A 80 10.50 22.37 7.48
N LEU A 81 9.93 22.16 8.69
CA LEU A 81 9.46 23.24 9.54
C LEU A 81 10.61 24.08 10.10
N ARG A 82 11.72 23.44 10.44
CA ARG A 82 12.85 24.19 10.96
C ARG A 82 13.17 25.23 9.91
N GLY A 83 13.03 24.85 8.65
CA GLY A 83 13.30 25.76 7.55
C GLY A 83 12.26 26.87 7.46
N TYR A 84 10.98 26.49 7.53
CA TYR A 84 9.86 27.43 7.45
C TYR A 84 9.95 28.61 8.42
N TYR A 85 10.40 28.31 9.63
CA TYR A 85 10.54 29.32 10.67
C TYR A 85 11.97 29.83 10.80
N ASN A 86 12.90 29.13 10.14
CA ASN A 86 14.30 29.50 10.16
C ASN A 86 14.88 29.34 11.55
N GLN A 87 14.73 28.16 12.12
CA GLN A 87 15.22 27.88 13.46
C GLN A 87 16.56 27.17 13.39
N SER A 88 17.24 27.03 14.52
CA SER A 88 18.55 26.40 14.54
C SER A 88 18.52 24.91 14.33
N GLU A 89 19.66 24.38 13.92
CA GLU A 89 19.83 22.94 13.71
C GLU A 89 19.90 22.27 15.07
N ALA A 90 20.49 22.99 16.04
CA ALA A 90 20.70 22.48 17.39
C ALA A 90 19.48 22.35 18.31
N GLY A 91 18.39 23.00 17.96
CA GLY A 91 17.22 22.93 18.82
C GLY A 91 16.27 21.77 18.71
N SER A 92 15.84 21.24 19.86
CA SER A 92 14.88 20.15 19.90
C SER A 92 13.54 20.82 19.74
N HIS A 93 12.74 20.29 18.84
CA HIS A 93 11.43 20.82 18.56
C HIS A 93 10.48 19.64 18.51
N THR A 94 9.19 19.93 18.58
CA THR A 94 8.17 18.90 18.60
C THR A 94 7.17 19.09 17.49
N VAL A 95 6.62 17.99 17.04
CA VAL A 95 5.60 17.96 15.99
C VAL A 95 4.57 17.01 16.58
N GLN A 96 3.29 17.34 16.46
CA GLN A 96 2.27 16.46 17.02
C GLN A 96 1.11 16.36 16.08
N ARG A 97 0.57 15.15 15.95
CA ARG A 97 -0.56 14.90 15.07
C ARG A 97 -1.61 14.08 15.82
N MET A 98 -2.86 14.37 15.54
CA MET A 98 -3.97 13.68 16.16
C MET A 98 -5.03 13.59 15.09
N TYR A 99 -5.66 12.45 14.97
CA TYR A 99 -6.72 12.32 14.01
C TYR A 99 -7.65 11.23 14.45
N GLY A 100 -8.91 11.32 14.03
CA GLY A 100 -9.87 10.31 14.42
C GLY A 100 -11.28 10.60 13.95
N CYS A 101 -12.18 9.70 14.29
CA CYS A 101 -13.59 9.81 13.91
C CYS A 101 -14.49 9.50 15.11
N ASP A 102 -15.72 10.00 15.05
CA ASP A 102 -16.74 9.82 16.09
C ASP A 102 -17.98 9.24 15.45
N VAL A 103 -18.55 8.22 16.07
CA VAL A 103 -19.78 7.64 15.56
C VAL A 103 -20.85 7.92 16.62
N GLY A 104 -22.08 8.09 16.16
CA GLY A 104 -23.16 8.34 17.09
C GLY A 104 -23.60 7.05 17.73
N SER A 105 -24.75 7.08 18.40
CA SER A 105 -25.27 5.90 19.04
C SER A 105 -25.69 4.88 18.00
N ASP A 106 -26.02 5.38 16.80
CA ASP A 106 -26.41 4.53 15.68
C ASP A 106 -25.15 3.96 15.05
N TRP A 107 -24.00 4.29 15.66
CA TRP A 107 -22.68 3.85 15.22
C TRP A 107 -22.27 4.33 13.84
N ARG A 108 -22.95 5.36 13.35
CA ARG A 108 -22.66 5.94 12.05
C ARG A 108 -21.86 7.22 12.15
N PHE A 109 -21.18 7.55 11.06
CA PHE A 109 -20.33 8.73 11.01
C PHE A 109 -20.97 9.96 11.67
N LEU A 110 -20.13 10.78 12.30
CA LEU A 110 -20.60 11.96 12.96
C LEU A 110 -19.63 13.09 12.67
N ARG A 111 -18.36 12.95 13.06
CA ARG A 111 -17.36 13.98 12.81
C ARG A 111 -16.00 13.35 12.57
N GLY A 112 -15.18 14.02 11.76
CA GLY A 112 -13.84 13.56 11.45
C GLY A 112 -12.89 14.64 11.91
N TYR A 113 -11.70 14.26 12.38
CA TYR A 113 -10.70 15.22 12.88
C TYR A 113 -9.33 14.92 12.29
N HIS A 114 -8.46 15.92 12.33
CA HIS A 114 -7.06 15.82 11.88
C HIS A 114 -6.39 17.13 12.19
N GLN A 115 -5.49 17.13 13.17
CA GLN A 115 -4.81 18.35 13.56
C GLN A 115 -3.36 18.10 13.70
N TYR A 116 -2.59 19.08 13.27
CA TYR A 116 -1.15 19.02 13.30
C TYR A 116 -0.74 20.20 14.13
N ALA A 117 0.28 20.04 14.95
CA ALA A 117 0.78 21.12 15.79
C ALA A 117 2.27 21.03 15.88
N TYR A 118 2.93 22.19 15.76
CA TYR A 118 4.39 22.26 15.82
C TYR A 118 4.78 23.12 17.00
N ASP A 119 5.53 22.52 17.92
CA ASP A 119 6.02 23.19 19.13
C ASP A 119 4.93 23.52 20.17
N GLY A 120 3.87 22.72 20.20
CA GLY A 120 2.79 22.94 21.15
C GLY A 120 1.68 23.89 20.70
N LYS A 121 1.85 24.49 19.52
CA LYS A 121 0.88 25.43 18.99
C LYS A 121 0.27 24.89 17.72
N ASP A 122 -0.99 25.24 17.48
CA ASP A 122 -1.70 24.80 16.29
C ASP A 122 -0.89 25.18 15.07
N TYR A 123 -0.93 24.31 14.06
CA TYR A 123 -0.19 24.56 12.82
C TYR A 123 -1.16 24.49 11.67
N ILE A 124 -1.83 23.36 11.53
CA ILE A 124 -2.82 23.21 10.48
C ILE A 124 -3.80 22.12 10.88
N ALA A 125 -5.06 22.33 10.54
CA ALA A 125 -6.13 21.39 10.86
C ALA A 125 -7.14 21.36 9.72
N LEU A 126 -7.77 20.20 9.54
CA LEU A 126 -8.76 20.00 8.50
C LEU A 126 -10.11 20.52 9.02
N LYS A 127 -10.78 21.40 8.28
CA LYS A 127 -12.08 21.91 8.72
C LYS A 127 -13.12 20.81 8.77
N GLU A 128 -14.11 21.01 9.64
CA GLU A 128 -15.20 20.06 9.86
C GLU A 128 -15.84 19.41 8.63
N ASP A 129 -15.80 20.11 7.49
CA ASP A 129 -16.39 19.61 6.23
C ASP A 129 -15.48 18.57 5.55
N LEU A 130 -14.29 18.41 6.13
CA LEU A 130 -13.29 17.47 5.65
C LEU A 130 -12.94 17.73 4.18
N ARG A 131 -12.83 19.02 3.81
CA ARG A 131 -12.47 19.40 2.44
C ARG A 131 -11.48 20.55 2.39
N SER A 132 -11.42 21.35 3.45
CA SER A 132 -10.50 22.48 3.46
C SER A 132 -9.61 22.49 4.72
N TRP A 133 -8.68 23.45 4.77
CA TRP A 133 -7.73 23.58 5.86
C TRP A 133 -7.69 24.95 6.54
N THR A 134 -7.31 24.94 7.81
CA THR A 134 -7.20 26.15 8.60
C THR A 134 -5.70 26.24 8.90
N ALA A 135 -5.01 27.13 8.22
CA ALA A 135 -3.59 27.30 8.45
C ALA A 135 -3.34 28.46 9.39
N ALA A 136 -2.54 28.22 10.42
CA ALA A 136 -2.20 29.26 11.38
C ALA A 136 -1.46 30.44 10.76
N ASP A 137 -0.16 30.29 10.52
CA ASP A 137 0.64 31.38 9.96
C ASP A 137 0.95 31.23 8.46
N MET A 138 2.03 31.88 8.02
CA MET A 138 2.44 31.82 6.62
C MET A 138 2.94 30.41 6.27
N ALA A 139 3.71 29.83 7.18
CA ALA A 139 4.25 28.48 7.01
C ALA A 139 3.09 27.52 6.76
N ALA A 140 2.15 27.51 7.69
CA ALA A 140 0.97 26.66 7.60
C ALA A 140 0.30 26.83 6.24
N GLN A 141 0.38 28.04 5.69
CA GLN A 141 -0.22 28.31 4.38
C GLN A 141 0.51 27.59 3.27
N THR A 142 1.84 27.55 3.36
CA THR A 142 2.67 26.86 2.37
C THR A 142 2.19 25.40 2.32
N THR A 143 2.15 24.79 3.51
CA THR A 143 1.72 23.41 3.66
C THR A 143 0.30 23.26 3.16
N LYS A 144 -0.52 24.26 3.45
CA LYS A 144 -1.90 24.23 3.03
C LYS A 144 -1.92 24.07 1.51
N HIS A 145 -1.12 24.89 0.82
CA HIS A 145 -1.04 24.84 -0.63
C HIS A 145 -0.62 23.47 -1.11
N LYS A 146 0.46 22.97 -0.51
CA LYS A 146 0.98 21.67 -0.87
C LYS A 146 -0.12 20.60 -0.81
N TRP A 147 -0.83 20.55 0.33
CA TRP A 147 -1.86 19.56 0.54
C TRP A 147 -3.12 19.72 -0.28
N GLU A 148 -3.43 20.94 -0.69
CA GLU A 148 -4.61 21.15 -1.53
C GLU A 148 -4.27 20.64 -2.91
N ALA A 149 -3.01 20.86 -3.31
CA ALA A 149 -2.48 20.43 -4.62
C ALA A 149 -2.40 18.90 -4.74
N ALA A 150 -1.96 18.26 -3.68
CA ALA A 150 -1.85 16.81 -3.62
C ALA A 150 -3.17 16.14 -3.27
N HIS A 151 -4.24 16.93 -3.13
CA HIS A 151 -5.56 16.40 -2.80
C HIS A 151 -5.60 15.48 -1.56
N VAL A 152 -4.79 15.84 -0.57
CA VAL A 152 -4.67 15.11 0.71
C VAL A 152 -6.03 15.04 1.45
N ALA A 153 -6.72 16.17 1.50
CA ALA A 153 -8.02 16.22 2.16
C ALA A 153 -8.95 15.14 1.61
N GLU A 154 -9.02 15.01 0.29
CA GLU A 154 -9.89 14.02 -0.37
C GLU A 154 -9.58 12.59 -0.01
N GLN A 155 -8.36 12.34 0.44
CA GLN A 155 -8.00 11.00 0.84
C GLN A 155 -8.33 10.84 2.33
N LEU A 156 -8.12 11.88 3.13
CA LEU A 156 -8.43 11.80 4.56
C LEU A 156 -9.93 11.61 4.72
N ARG A 157 -10.70 12.35 3.93
CA ARG A 157 -12.14 12.27 3.97
C ARG A 157 -12.61 10.84 3.77
N ALA A 158 -11.97 10.12 2.84
CA ALA A 158 -12.36 8.75 2.57
C ALA A 158 -11.93 7.84 3.72
N TYR A 159 -10.92 8.27 4.47
CA TYR A 159 -10.44 7.49 5.60
C TYR A 159 -11.39 7.71 6.80
N LEU A 160 -11.56 8.97 7.18
CA LEU A 160 -12.41 9.37 8.30
C LEU A 160 -13.87 8.92 8.17
N GLU A 161 -14.48 9.24 7.04
CA GLU A 161 -15.87 8.87 6.80
C GLU A 161 -16.09 7.39 6.60
N GLY A 162 -15.14 6.72 5.94
CA GLY A 162 -15.25 5.30 5.66
C GLY A 162 -14.45 4.34 6.51
N THR A 163 -13.20 4.13 6.15
CA THR A 163 -12.36 3.16 6.87
C THR A 163 -12.21 3.35 8.40
N CYS A 164 -12.13 4.60 8.86
CA CYS A 164 -11.98 4.86 10.29
C CYS A 164 -13.25 4.33 11.00
N VAL A 165 -14.40 4.67 10.46
CA VAL A 165 -15.65 4.25 11.03
C VAL A 165 -15.75 2.73 11.04
N GLU A 166 -15.62 2.13 9.86
CA GLU A 166 -15.71 0.67 9.70
C GLU A 166 -14.86 -0.11 10.71
N TRP A 167 -13.67 0.39 10.99
CA TRP A 167 -12.78 -0.28 11.91
C TRP A 167 -13.16 -0.11 13.35
N LEU A 168 -13.71 1.07 13.69
CA LEU A 168 -14.14 1.37 15.06
C LEU A 168 -15.24 0.40 15.42
N ARG A 169 -16.19 0.21 14.51
CA ARG A 169 -17.29 -0.72 14.73
C ARG A 169 -16.72 -2.10 15.00
N ARG A 170 -15.70 -2.47 14.25
CA ARG A 170 -15.04 -3.77 14.39
C ARG A 170 -14.48 -3.86 15.80
N TYR A 171 -13.68 -2.87 16.18
CA TYR A 171 -13.07 -2.83 17.49
C TYR A 171 -14.12 -2.88 18.60
N LEU A 172 -15.14 -2.04 18.48
CA LEU A 172 -16.21 -2.00 19.45
C LEU A 172 -16.78 -3.41 19.58
N GLU A 173 -17.16 -4.00 18.45
CA GLU A 173 -17.74 -5.33 18.46
C GLU A 173 -16.84 -6.42 19.04
N ASN A 174 -15.57 -6.45 18.66
CA ASN A 174 -14.65 -7.48 19.18
C ASN A 174 -14.30 -7.18 20.63
N GLY A 175 -14.29 -5.89 20.98
CA GLY A 175 -13.96 -5.49 22.33
C GLY A 175 -15.18 -5.19 23.20
N LYS A 176 -16.34 -5.63 22.74
CA LYS A 176 -17.61 -5.42 23.42
C LYS A 176 -17.54 -5.25 24.93
N GLU A 177 -17.16 -6.32 25.61
CA GLU A 177 -17.08 -6.31 27.07
C GLU A 177 -16.36 -5.13 27.67
N THR A 178 -15.23 -4.74 27.09
CA THR A 178 -14.45 -3.62 27.60
C THR A 178 -14.96 -2.25 27.13
N LEU A 179 -15.06 -2.10 25.82
CA LEU A 179 -15.47 -0.83 25.23
C LEU A 179 -16.89 -0.37 25.50
N GLN A 180 -17.85 -1.29 25.37
CA GLN A 180 -19.24 -0.94 25.59
C GLN A 180 -19.64 -1.08 27.06
N ARG A 181 -18.97 -0.34 27.93
CA ARG A 181 -19.27 -0.40 29.36
C ARG A 181 -19.25 0.96 30.03
N THR A 182 -19.95 1.01 31.16
CA THR A 182 -20.08 2.21 31.96
C THR A 182 -20.00 1.88 33.44
N ASP A 183 -18.86 2.21 34.02
CA ASP A 183 -18.63 2.01 35.44
C ASP A 183 -18.92 3.36 36.12
N ALA A 184 -19.96 3.40 36.93
CA ALA A 184 -20.31 4.65 37.62
C ALA A 184 -19.31 4.86 38.75
N PRO A 185 -19.15 6.10 39.18
CA PRO A 185 -18.20 6.36 40.26
C PRO A 185 -18.65 5.90 41.64
N LYS A 186 -17.70 5.32 42.37
CA LYS A 186 -17.92 4.86 43.73
C LYS A 186 -17.45 6.04 44.56
N THR A 187 -18.40 6.82 45.03
CA THR A 187 -18.13 8.03 45.81
C THR A 187 -18.13 7.84 47.33
N HIS A 188 -17.57 8.83 48.03
CA HIS A 188 -17.50 8.86 49.50
C HIS A 188 -16.89 10.20 49.92
N MET A 189 -16.86 10.51 51.21
CA MET A 189 -16.30 11.78 51.66
C MET A 189 -15.37 11.67 52.86
N THR A 190 -14.30 12.47 52.85
CA THR A 190 -13.36 12.50 53.97
C THR A 190 -13.34 13.90 54.63
N HIS A 191 -12.75 13.95 55.82
CA HIS A 191 -12.69 15.17 56.60
C HIS A 191 -11.29 15.32 57.19
N HIS A 192 -10.53 16.27 56.67
CA HIS A 192 -9.19 16.51 57.18
C HIS A 192 -9.22 17.81 57.96
N ALA A 193 -8.33 17.96 58.93
CA ALA A 193 -8.27 19.18 59.74
C ALA A 193 -6.99 19.18 60.54
N VAL A 194 -6.23 20.26 60.44
CA VAL A 194 -4.97 20.37 61.17
C VAL A 194 -5.02 21.59 62.10
N SER A 195 -6.20 22.19 62.19
CA SER A 195 -6.43 23.36 63.03
C SER A 195 -7.78 23.30 63.75
N ASP A 196 -7.92 24.09 64.81
CA ASP A 196 -9.14 24.12 65.59
C ASP A 196 -10.18 25.15 65.15
N HIS A 197 -10.25 25.39 63.84
CA HIS A 197 -11.23 26.33 63.29
C HIS A 197 -11.54 26.06 61.83
N GLU A 198 -10.65 25.33 61.17
CA GLU A 198 -10.78 24.97 59.76
C GLU A 198 -10.54 23.50 59.55
N ALA A 199 -11.44 22.88 58.79
CA ALA A 199 -11.36 21.46 58.47
C ALA A 199 -11.62 21.35 56.97
N THR A 200 -10.77 20.61 56.27
CA THR A 200 -10.91 20.43 54.84
C THR A 200 -11.82 19.25 54.55
N LEU A 201 -12.82 19.46 53.70
CA LEU A 201 -13.78 18.44 53.34
C LEU A 201 -13.53 17.99 51.89
N ARG A 202 -13.08 16.74 51.70
CA ARG A 202 -12.77 16.19 50.36
C ARG A 202 -13.78 15.18 49.86
N CYS A 203 -14.32 15.41 48.68
CA CYS A 203 -15.32 14.53 48.08
C CYS A 203 -14.70 13.73 46.94
N TRP A 204 -14.83 12.41 46.99
CA TRP A 204 -14.22 11.53 46.00
C TRP A 204 -15.09 10.86 44.96
N ALA A 205 -14.44 10.48 43.87
CA ALA A 205 -15.06 9.76 42.77
C ALA A 205 -13.96 8.80 42.27
N LEU A 206 -14.18 7.50 42.46
CA LEU A 206 -13.20 6.50 42.05
C LEU A 206 -13.81 5.40 41.19
N SER A 207 -12.96 4.60 40.55
CA SER A 207 -13.34 3.48 39.70
C SER A 207 -14.43 3.76 38.66
N PHE A 208 -14.39 4.94 38.05
CA PHE A 208 -15.37 5.30 37.04
C PHE A 208 -14.80 5.29 35.65
N TYR A 209 -15.69 5.00 34.69
CA TYR A 209 -15.37 4.92 33.28
C TYR A 209 -16.67 5.14 32.54
N PRO A 210 -16.64 5.96 31.47
CA PRO A 210 -15.49 6.69 30.93
C PRO A 210 -14.95 7.75 31.87
N ALA A 211 -14.06 8.60 31.36
CA ALA A 211 -13.42 9.63 32.17
C ALA A 211 -14.21 10.94 32.39
N GLU A 212 -15.32 11.13 31.67
CA GLU A 212 -16.13 12.33 31.82
C GLU A 212 -16.88 12.38 33.17
N ILE A 213 -16.62 13.43 33.94
CA ILE A 213 -17.24 13.58 35.25
C ILE A 213 -17.27 15.04 35.68
N THR A 214 -18.29 15.41 36.45
CA THR A 214 -18.42 16.77 36.97
C THR A 214 -18.58 16.64 38.49
N LEU A 215 -17.61 17.20 39.20
CA LEU A 215 -17.56 17.16 40.66
C LEU A 215 -17.66 18.60 41.15
N THR A 216 -18.67 18.90 41.96
CA THR A 216 -18.87 20.27 42.45
C THR A 216 -19.32 20.46 43.91
N TRP A 217 -18.69 21.39 44.61
CA TRP A 217 -19.00 21.74 46.00
C TRP A 217 -19.90 22.96 46.03
N GLN A 218 -20.88 22.94 46.93
CA GLN A 218 -21.82 24.04 47.10
C GLN A 218 -21.99 24.30 48.59
N ARG A 219 -22.27 25.55 48.93
CA ARG A 219 -22.51 25.95 50.33
C ARG A 219 -23.89 26.58 50.37
N ASP A 220 -24.78 25.99 51.16
CA ASP A 220 -26.16 26.44 51.32
C ASP A 220 -26.91 26.43 49.97
N GLY A 221 -26.27 25.89 48.93
CA GLY A 221 -26.91 25.85 47.63
C GLY A 221 -26.26 26.81 46.64
N GLU A 222 -25.15 27.42 47.04
CA GLU A 222 -24.43 28.36 46.18
C GLU A 222 -23.14 27.71 45.64
N ASP A 223 -22.96 27.76 44.31
CA ASP A 223 -21.78 27.17 43.68
C ASP A 223 -20.55 27.60 44.43
N GLN A 224 -19.66 26.66 44.74
CA GLN A 224 -18.47 27.02 45.51
C GLN A 224 -17.20 27.06 44.67
N THR A 225 -17.40 27.15 43.36
CA THR A 225 -16.33 27.20 42.37
C THR A 225 -14.96 27.77 42.78
N GLN A 226 -14.89 29.06 43.07
CA GLN A 226 -13.63 29.69 43.39
C GLN A 226 -12.94 29.29 44.70
N ASP A 227 -13.66 28.58 45.57
CA ASP A 227 -13.09 28.18 46.86
C ASP A 227 -12.80 26.67 46.94
N THR A 228 -12.85 26.00 45.79
CA THR A 228 -12.66 24.56 45.68
C THR A 228 -11.40 24.09 44.93
N GLU A 229 -10.64 23.17 45.54
CA GLU A 229 -9.43 22.60 44.92
C GLU A 229 -9.87 21.39 44.11
N LEU A 230 -9.87 21.51 42.79
CA LEU A 230 -10.28 20.41 41.93
C LEU A 230 -9.08 19.81 41.20
N VAL A 231 -8.81 18.52 41.42
CA VAL A 231 -7.69 17.87 40.74
C VAL A 231 -8.14 17.30 39.40
N GLU A 232 -7.26 17.39 38.42
CA GLU A 232 -7.53 16.91 37.08
C GLU A 232 -7.86 15.42 37.14
N THR A 233 -8.83 14.96 36.34
CA THR A 233 -9.20 13.54 36.33
C THR A 233 -7.90 12.78 36.16
N ARG A 234 -7.69 11.73 36.94
CA ARG A 234 -6.46 10.95 36.87
C ARG A 234 -6.76 9.46 36.69
N PRO A 235 -5.92 8.77 35.92
CA PRO A 235 -6.11 7.33 35.66
C PRO A 235 -5.71 6.46 36.86
N ALA A 236 -6.50 5.43 37.13
CA ALA A 236 -6.23 4.52 38.24
C ALA A 236 -5.14 3.52 37.88
N GLY A 237 -5.08 3.20 36.59
CA GLY A 237 -4.10 2.28 36.07
C GLY A 237 -4.71 0.96 35.65
N ASP A 238 -5.97 0.76 35.97
CA ASP A 238 -6.64 -0.50 35.63
C ASP A 238 -7.78 -0.32 34.65
N GLY A 239 -7.83 0.86 34.03
CA GLY A 239 -8.87 1.12 33.04
C GLY A 239 -9.98 2.01 33.53
N THR A 240 -9.82 2.58 34.73
CA THR A 240 -10.80 3.48 35.34
C THR A 240 -10.10 4.74 35.78
N PHE A 241 -10.90 5.73 36.15
CA PHE A 241 -10.38 7.03 36.57
C PHE A 241 -10.70 7.42 38.02
N GLN A 242 -10.05 8.48 38.49
CA GLN A 242 -10.21 9.00 39.83
C GLN A 242 -10.34 10.50 39.77
N LYS A 243 -10.78 11.11 40.86
CA LYS A 243 -10.93 12.57 40.93
C LYS A 243 -11.43 13.01 42.30
N TRP A 244 -11.11 14.24 42.67
CA TRP A 244 -11.57 14.78 43.94
C TRP A 244 -11.58 16.30 44.03
N ALA A 245 -12.56 16.82 44.78
CA ALA A 245 -12.73 18.25 45.03
C ALA A 245 -12.63 18.45 46.54
N ALA A 246 -11.99 19.52 46.97
CA ALA A 246 -11.84 19.74 48.40
C ALA A 246 -12.02 21.20 48.77
N VAL A 247 -12.77 21.44 49.85
CA VAL A 247 -13.03 22.78 50.34
C VAL A 247 -12.60 22.92 51.79
N VAL A 248 -12.20 24.12 52.16
CA VAL A 248 -11.83 24.42 53.54
C VAL A 248 -13.12 24.95 54.19
N VAL A 249 -13.51 24.33 55.28
CA VAL A 249 -14.72 24.67 55.98
C VAL A 249 -14.41 25.13 57.41
N PRO A 250 -15.02 26.25 57.85
CA PRO A 250 -14.80 26.75 59.21
C PRO A 250 -15.63 25.82 60.10
N SER A 251 -15.09 25.40 61.23
CA SER A 251 -15.79 24.48 62.12
C SER A 251 -17.27 24.83 62.33
N GLY A 252 -18.11 23.79 62.37
CA GLY A 252 -19.53 24.01 62.56
C GLY A 252 -20.28 24.07 61.25
N GLN A 253 -19.61 24.53 60.21
CA GLN A 253 -20.24 24.66 58.90
C GLN A 253 -20.39 23.40 58.06
N GLU A 254 -19.86 22.28 58.54
CA GLU A 254 -19.91 21.02 57.77
C GLU A 254 -21.22 20.66 57.10
N GLN A 255 -22.33 20.82 57.80
CA GLN A 255 -23.66 20.48 57.27
C GLN A 255 -24.17 21.36 56.13
N ARG A 256 -23.48 22.48 55.89
CA ARG A 256 -23.84 23.44 54.85
C ARG A 256 -23.38 23.06 53.45
N TYR A 257 -22.25 22.38 53.36
CA TYR A 257 -21.66 21.97 52.09
C TYR A 257 -22.21 20.70 51.52
N THR A 258 -22.36 20.67 50.19
CA THR A 258 -22.81 19.48 49.49
C THR A 258 -21.97 19.24 48.24
N CYS A 259 -21.55 17.98 48.04
CA CYS A 259 -20.77 17.62 46.85
C CYS A 259 -21.72 17.09 45.80
N HIS A 260 -21.50 17.44 44.56
CA HIS A 260 -22.38 17.02 43.49
C HIS A 260 -21.59 16.35 42.40
N VAL A 261 -21.86 15.05 42.22
CA VAL A 261 -21.19 14.19 41.26
C VAL A 261 -22.10 13.89 40.07
N GLN A 262 -21.60 14.17 38.87
CA GLN A 262 -22.36 13.92 37.64
C GLN A 262 -21.53 12.97 36.75
N HIS A 263 -22.16 11.91 36.28
CA HIS A 263 -21.46 10.93 35.46
C HIS A 263 -22.47 10.05 34.73
N GLU A 264 -22.13 9.61 33.52
CA GLU A 264 -23.01 8.76 32.68
C GLU A 264 -23.56 7.52 33.39
N GLY A 265 -22.77 6.97 34.29
CA GLY A 265 -23.16 5.78 35.03
C GLY A 265 -24.22 6.07 36.08
N LEU A 266 -24.33 7.33 36.48
CA LEU A 266 -25.31 7.74 37.49
C LEU A 266 -26.65 8.08 36.80
N PRO A 267 -27.72 7.35 37.17
CA PRO A 267 -29.04 7.61 36.58
C PRO A 267 -29.44 9.04 36.95
N LYS A 268 -29.32 9.33 38.25
CA LYS A 268 -29.63 10.65 38.79
C LYS A 268 -28.36 11.16 39.45
N PRO A 269 -28.05 12.46 39.28
CA PRO A 269 -26.85 13.05 39.88
C PRO A 269 -26.84 12.89 41.41
N LEU A 270 -25.68 12.54 41.95
CA LEU A 270 -25.57 12.33 43.38
C LEU A 270 -25.23 13.63 44.06
N THR A 271 -25.52 13.67 45.36
CA THR A 271 -25.25 14.81 46.22
C THR A 271 -24.79 14.15 47.52
N LEU A 272 -23.57 14.43 47.94
CA LEU A 272 -23.03 13.83 49.16
C LEU A 272 -22.97 14.90 50.24
N ARG A 273 -23.45 14.55 51.43
CA ARG A 273 -23.43 15.46 52.58
C ARG A 273 -22.52 14.84 53.66
N TRP A 274 -21.86 15.66 54.47
CA TRP A 274 -21.00 15.12 55.53
C TRP A 274 -21.82 14.77 56.78
N GLU A 275 -22.60 13.71 56.66
CA GLU A 275 -23.48 13.28 57.72
C GLU A 275 -23.04 11.96 58.33
N ILE B 2 5.28 26.62 23.71
CA ILE B 2 5.50 27.43 24.95
C ILE B 2 5.64 26.43 26.10
N GLN B 3 6.68 26.61 26.91
CA GLN B 3 6.94 25.73 28.03
C GLN B 3 5.88 25.78 29.12
N ARG B 4 5.17 24.68 29.32
CA ARG B 4 4.17 24.60 30.37
C ARG B 4 4.72 23.56 31.33
N THR B 5 4.67 23.88 32.63
CA THR B 5 5.20 23.02 33.68
C THR B 5 4.25 21.89 34.09
N PRO B 6 4.81 20.75 34.55
CA PRO B 6 4.07 19.56 34.97
C PRO B 6 3.07 19.76 36.12
N LYS B 7 1.96 19.03 36.07
CA LYS B 7 0.97 19.04 37.14
C LYS B 7 1.09 17.62 37.69
N ILE B 8 1.85 17.52 38.79
CA ILE B 8 2.17 16.26 39.48
C ILE B 8 1.16 15.77 40.53
N GLN B 9 0.88 14.47 40.50
CA GLN B 9 -0.03 13.85 41.44
C GLN B 9 0.47 12.45 41.76
N VAL B 10 0.79 12.21 43.03
CA VAL B 10 1.23 10.90 43.54
C VAL B 10 0.05 10.31 44.29
N TYR B 11 -0.29 9.07 44.02
CA TYR B 11 -1.41 8.40 44.67
C TYR B 11 -1.30 6.90 44.45
N SER B 12 -2.18 6.13 45.08
CA SER B 12 -2.13 4.70 44.91
C SER B 12 -3.41 4.34 44.15
N ARG B 13 -3.39 3.21 43.45
CA ARG B 13 -4.55 2.79 42.66
C ARG B 13 -5.81 2.47 43.50
N HIS B 14 -5.61 1.66 44.52
CA HIS B 14 -6.67 1.24 45.42
C HIS B 14 -6.45 1.94 46.76
N PRO B 15 -7.49 2.00 47.62
CA PRO B 15 -7.30 2.66 48.92
C PRO B 15 -6.14 2.01 49.69
N ALA B 16 -5.20 2.83 50.12
CA ALA B 16 -4.01 2.39 50.85
C ALA B 16 -4.33 1.58 52.11
N GLU B 17 -4.22 0.26 51.99
CA GLU B 17 -4.46 -0.63 53.11
C GLU B 17 -3.15 -1.28 53.49
N ASN B 18 -2.56 -0.85 54.62
CA ASN B 18 -1.28 -1.38 55.13
C ASN B 18 -1.15 -2.88 55.02
N GLY B 19 0.01 -3.34 54.58
CA GLY B 19 0.25 -4.76 54.45
C GLY B 19 -0.39 -5.39 53.21
N LYS B 20 -1.21 -4.61 52.50
CA LYS B 20 -1.89 -5.10 51.30
C LYS B 20 -1.33 -4.51 49.98
N SER B 21 -1.09 -5.41 49.02
CA SER B 21 -0.55 -5.06 47.70
C SER B 21 -1.41 -4.05 46.94
N ASN B 22 -0.75 -3.04 46.41
CA ASN B 22 -1.42 -1.97 45.67
C ASN B 22 -0.37 -1.45 44.69
N PHE B 23 -0.66 -0.34 44.02
CA PHE B 23 0.28 0.26 43.08
C PHE B 23 0.46 1.72 43.38
N LEU B 24 1.72 2.16 43.30
CA LEU B 24 2.06 3.56 43.53
C LEU B 24 2.06 4.25 42.17
N ASN B 25 1.19 5.23 42.02
CA ASN B 25 1.05 5.97 40.78
C ASN B 25 1.59 7.40 40.88
N CYS B 26 2.22 7.86 39.81
CA CYS B 26 2.68 9.23 39.73
C CYS B 26 2.13 9.63 38.37
N TYR B 27 1.48 10.77 38.30
CA TYR B 27 0.86 11.22 37.07
C TYR B 27 1.30 12.65 36.95
N VAL B 28 1.86 12.98 35.80
CA VAL B 28 2.32 14.34 35.53
C VAL B 28 1.57 14.72 34.26
N SER B 29 1.09 15.94 34.16
CA SER B 29 0.34 16.31 32.98
C SER B 29 0.41 17.78 32.69
N GLY B 30 -0.22 18.18 31.59
CA GLY B 30 -0.24 19.57 31.18
C GLY B 30 1.12 20.20 30.96
N PHE B 31 2.14 19.39 30.63
CA PHE B 31 3.49 19.92 30.36
C PHE B 31 3.88 19.99 28.89
N HIS B 32 4.94 20.74 28.63
CA HIS B 32 5.48 20.89 27.30
C HIS B 32 6.80 21.66 27.40
N PRO B 33 7.87 21.13 26.77
CA PRO B 33 8.00 19.91 25.96
C PRO B 33 7.89 18.61 26.76
N SER B 34 7.94 17.48 26.03
CA SER B 34 7.82 16.12 26.57
C SER B 34 8.97 15.52 27.39
N ASP B 35 10.19 15.99 27.20
CA ASP B 35 11.32 15.47 27.99
C ASP B 35 11.06 15.72 29.47
N ILE B 36 10.85 14.64 30.22
CA ILE B 36 10.57 14.76 31.64
C ILE B 36 11.13 13.55 32.39
N GLU B 37 11.77 13.81 33.53
CA GLU B 37 12.32 12.75 34.34
C GLU B 37 11.45 12.59 35.58
N VAL B 38 10.99 11.36 35.83
CA VAL B 38 10.10 11.04 36.95
C VAL B 38 10.51 9.76 37.72
N ASP B 39 10.86 9.92 38.99
CA ASP B 39 11.25 8.80 39.83
C ASP B 39 10.27 8.64 41.00
N LEU B 40 9.94 7.40 41.31
CA LEU B 40 9.10 7.11 42.45
C LEU B 40 10.11 6.77 43.55
N LEU B 41 9.96 7.33 44.74
CA LEU B 41 10.92 7.08 45.81
C LEU B 41 10.34 6.40 47.03
N LYS B 42 11.20 5.64 47.71
CA LYS B 42 10.86 4.95 48.95
C LYS B 42 11.89 5.34 50.00
N ASN B 43 11.48 6.25 50.88
CA ASN B 43 12.32 6.74 51.98
C ASN B 43 13.51 7.57 51.48
N GLY B 44 13.37 8.11 50.27
CA GLY B 44 14.45 8.89 49.67
C GLY B 44 15.18 8.09 48.59
N GLU B 45 15.16 6.76 48.75
CA GLU B 45 15.81 5.87 47.80
C GLU B 45 14.94 5.69 46.56
N ARG B 46 15.56 5.81 45.40
CA ARG B 46 14.87 5.67 44.12
C ARG B 46 14.42 4.22 43.97
N ILE B 47 13.17 4.03 43.56
CA ILE B 47 12.63 2.69 43.36
C ILE B 47 13.12 2.21 42.02
N GLU B 48 13.68 1.00 42.00
CA GLU B 48 14.24 0.43 40.79
C GLU B 48 13.35 0.23 39.58
N LYS B 49 12.50 -0.79 39.63
CA LYS B 49 11.64 -1.12 38.50
C LYS B 49 10.32 -0.35 38.35
N VAL B 50 10.42 0.88 37.88
CA VAL B 50 9.24 1.73 37.69
C VAL B 50 8.79 1.75 36.24
N GLU B 51 7.53 1.40 36.00
CA GLU B 51 7.02 1.39 34.64
C GLU B 51 6.34 2.70 34.33
N HIS B 52 5.87 2.87 33.10
CA HIS B 52 5.20 4.10 32.71
C HIS B 52 4.34 3.95 31.46
N SER B 53 3.42 4.88 31.26
CA SER B 53 2.52 4.85 30.12
C SER B 53 3.20 5.35 28.86
N ASP B 54 2.53 5.21 27.71
CA ASP B 54 3.08 5.64 26.44
C ASP B 54 2.68 7.09 26.25
N LEU B 55 3.66 7.94 26.02
CA LEU B 55 3.42 9.37 25.84
C LEU B 55 2.26 9.70 24.94
N SER B 56 1.40 10.58 25.42
CA SER B 56 0.25 11.04 24.66
C SER B 56 -0.02 12.48 25.05
N PHE B 57 -1.11 13.04 24.55
CA PHE B 57 -1.40 14.42 24.84
C PHE B 57 -2.88 14.75 24.81
N SER B 58 -3.23 15.87 25.46
CA SER B 58 -4.60 16.36 25.56
C SER B 58 -4.94 17.36 24.43
N LYS B 59 -6.21 17.76 24.36
CA LYS B 59 -6.68 18.69 23.34
C LYS B 59 -5.86 19.96 23.14
N ASP B 60 -5.17 20.41 24.17
CA ASP B 60 -4.35 21.63 24.06
C ASP B 60 -2.87 21.33 23.76
N TRP B 61 -2.61 20.10 23.34
CA TRP B 61 -1.28 19.60 22.97
C TRP B 61 -0.32 19.33 24.12
N SER B 62 -0.76 19.48 25.36
CA SER B 62 0.12 19.21 26.48
C SER B 62 0.22 17.71 26.65
N PHE B 63 1.29 17.25 27.29
CA PHE B 63 1.57 15.84 27.48
C PHE B 63 1.18 15.30 28.83
N TYR B 64 0.98 13.99 28.92
CA TYR B 64 0.68 13.35 30.19
C TYR B 64 1.24 11.92 30.21
N LEU B 65 1.83 11.55 31.34
CA LEU B 65 2.46 10.24 31.55
C LEU B 65 2.09 9.66 32.91
N LEU B 66 2.03 8.33 33.01
CA LEU B 66 1.73 7.68 34.26
C LEU B 66 2.79 6.64 34.60
N TYR B 67 3.49 6.89 35.70
CA TYR B 67 4.53 6.00 36.20
C TYR B 67 3.93 5.18 37.35
N TYR B 68 4.08 3.87 37.26
CA TYR B 68 3.54 3.01 38.29
C TYR B 68 4.49 1.90 38.70
N THR B 69 4.26 1.38 39.90
CA THR B 69 5.05 0.30 40.47
C THR B 69 4.23 -0.35 41.57
N GLU B 70 4.35 -1.67 41.72
CA GLU B 70 3.63 -2.40 42.77
C GLU B 70 4.23 -1.97 44.12
N PHE B 71 3.43 -2.08 45.18
CA PHE B 71 3.89 -1.73 46.52
C PHE B 71 2.88 -2.04 47.61
N THR B 72 3.43 -2.42 48.76
CA THR B 72 2.65 -2.74 49.92
C THR B 72 2.87 -1.55 50.86
N PRO B 73 1.84 -0.70 50.99
CA PRO B 73 1.87 0.49 51.85
C PRO B 73 2.12 0.04 53.27
N THR B 74 2.79 0.87 54.04
CA THR B 74 3.10 0.51 55.42
C THR B 74 2.97 1.75 56.29
N GLU B 75 2.65 1.57 57.58
CA GLU B 75 2.53 2.72 58.45
C GLU B 75 3.85 3.46 58.57
N LYS B 76 4.93 2.70 58.47
CA LYS B 76 6.27 3.25 58.59
C LYS B 76 7.04 3.67 57.32
N ASP B 77 6.65 3.19 56.14
CA ASP B 77 7.36 3.56 54.90
C ASP B 77 6.85 4.82 54.19
N GLU B 78 7.76 5.73 53.86
CA GLU B 78 7.40 6.97 53.19
C GLU B 78 7.66 6.92 51.69
N TYR B 79 6.64 7.19 50.89
CA TYR B 79 6.79 7.17 49.43
C TYR B 79 6.70 8.55 48.80
N ALA B 80 7.42 8.75 47.69
CA ALA B 80 7.43 10.05 46.98
C ALA B 80 7.55 9.94 45.48
N CYS B 81 7.52 11.08 44.80
CA CYS B 81 7.67 11.15 43.36
C CYS B 81 8.53 12.36 42.99
N ARG B 82 9.74 12.09 42.49
CA ARG B 82 10.65 13.14 42.08
C ARG B 82 10.48 13.41 40.58
N VAL B 83 10.16 14.65 40.24
CA VAL B 83 9.95 15.06 38.88
C VAL B 83 10.92 16.18 38.51
N ASN B 84 11.40 16.14 37.28
CA ASN B 84 12.31 17.16 36.78
C ASN B 84 11.84 17.49 35.35
N HIS B 85 11.93 18.78 34.99
CA HIS B 85 11.50 19.32 33.70
C HIS B 85 12.17 20.70 33.52
N VAL B 86 12.35 21.16 32.28
CA VAL B 86 13.00 22.45 32.02
C VAL B 86 12.38 23.68 32.67
N THR B 87 11.11 23.55 33.07
CA THR B 87 10.39 24.65 33.69
C THR B 87 10.77 24.74 35.17
N LEU B 88 11.33 23.65 35.68
CA LEU B 88 11.71 23.56 37.07
C LEU B 88 13.19 23.86 37.34
N SER B 89 13.43 24.87 38.17
CA SER B 89 14.77 25.28 38.56
C SER B 89 15.44 24.21 39.44
N GLN B 90 14.61 23.29 39.96
CA GLN B 90 15.05 22.19 40.83
C GLN B 90 14.01 21.07 40.74
N PRO B 91 14.40 19.82 41.02
CA PRO B 91 13.45 18.70 40.95
C PRO B 91 12.29 18.84 41.97
N LYS B 92 11.07 18.76 41.46
CA LYS B 92 9.88 18.88 42.31
C LYS B 92 9.68 17.53 43.00
N ILE B 93 9.65 17.55 44.33
CA ILE B 93 9.44 16.34 45.12
C ILE B 93 8.02 16.41 45.67
N VAL B 94 7.24 15.37 45.45
CA VAL B 94 5.88 15.33 45.94
C VAL B 94 5.72 14.08 46.79
N LYS B 95 5.37 14.24 48.06
CA LYS B 95 5.19 13.11 48.95
C LYS B 95 3.79 12.52 48.79
N TRP B 96 3.69 11.23 49.05
CA TRP B 96 2.42 10.54 48.95
C TRP B 96 1.64 10.67 50.25
N ASP B 97 0.41 11.14 50.15
CA ASP B 97 -0.45 11.29 51.31
C ASP B 97 -1.65 10.43 50.98
N ARG B 98 -1.88 9.38 51.77
CA ARG B 98 -2.98 8.46 51.51
C ARG B 98 -4.42 9.04 51.50
N ASP B 99 -4.54 10.34 51.75
CA ASP B 99 -5.83 11.04 51.76
C ASP B 99 -5.99 11.95 50.52
N MET B 100 -5.05 11.81 49.58
CA MET B 100 -5.07 12.58 48.34
C MET B 100 -4.90 11.64 47.13
N LEU C 1 -7.61 1.10 12.68
CA LEU C 1 -6.70 1.06 11.52
C LEU C 1 -6.19 2.47 11.27
N LEU C 2 -4.90 2.61 11.05
CA LEU C 2 -4.31 3.93 10.80
C LEU C 2 -4.60 4.41 9.39
N PHE C 3 -4.39 5.71 9.21
CA PHE C 3 -4.56 6.39 7.93
C PHE C 3 -3.40 5.87 7.06
N GLY C 4 -3.65 5.72 5.78
CA GLY C 4 -2.61 5.22 4.92
C GLY C 4 -1.86 6.17 4.00
N TYR C 5 -2.22 7.46 4.00
CA TYR C 5 -1.57 8.41 3.09
C TYR C 5 -1.07 9.72 3.67
N PRO C 6 -0.22 9.65 4.71
CA PRO C 6 0.30 10.91 5.27
C PRO C 6 1.25 11.55 4.26
N VAL C 7 1.30 12.88 4.22
CA VAL C 7 2.15 13.60 3.28
C VAL C 7 2.99 14.60 4.02
N TYR C 8 4.19 14.86 3.52
CA TYR C 8 5.10 15.81 4.14
C TYR C 8 4.49 17.21 4.16
N VAL C 9 4.77 17.97 5.23
CA VAL C 9 4.27 19.34 5.37
C VAL C 9 5.15 20.29 4.58
N GLN D 1 -4.24 -10.68 1.80
CA GLN D 1 -4.56 -9.52 0.92
C GLN D 1 -4.59 -10.03 -0.50
N GLN D 2 -5.70 -10.66 -0.88
CA GLN D 2 -5.86 -11.22 -2.23
C GLN D 2 -6.84 -10.40 -3.07
N VAL D 3 -6.54 -10.25 -4.35
CA VAL D 3 -7.41 -9.54 -5.28
C VAL D 3 -7.64 -10.58 -6.36
N LYS D 4 -8.87 -11.04 -6.48
CA LYS D 4 -9.16 -12.08 -7.44
C LYS D 4 -9.86 -11.57 -8.69
N GLN D 5 -9.22 -11.77 -9.83
CA GLN D 5 -9.81 -11.40 -11.12
C GLN D 5 -10.09 -12.70 -11.86
N ASN D 6 -11.31 -13.19 -11.76
CA ASN D 6 -11.69 -14.41 -12.46
C ASN D 6 -11.81 -13.99 -13.92
N SER D 7 -12.09 -14.95 -14.80
CA SER D 7 -12.21 -14.65 -16.22
C SER D 7 -10.91 -14.07 -16.76
N PRO D 8 -10.00 -14.95 -17.20
CA PRO D 8 -8.68 -14.64 -17.76
C PRO D 8 -8.77 -13.89 -19.10
N SER D 9 -9.78 -14.21 -19.89
CA SER D 9 -9.96 -13.61 -21.21
C SER D 9 -11.30 -12.91 -21.43
N LEU D 10 -11.34 -12.09 -22.48
CA LEU D 10 -12.55 -11.37 -22.84
C LEU D 10 -12.43 -10.70 -24.22
N SER D 11 -13.32 -11.05 -25.13
CA SER D 11 -13.33 -10.47 -26.47
C SER D 11 -14.66 -9.72 -26.62
N VAL D 12 -14.60 -8.53 -27.20
CA VAL D 12 -15.79 -7.71 -27.40
C VAL D 12 -15.66 -7.00 -28.76
N GLN D 13 -16.69 -7.10 -29.59
CA GLN D 13 -16.65 -6.47 -30.90
C GLN D 13 -16.42 -4.99 -30.73
N GLU D 14 -15.80 -4.36 -31.71
CA GLU D 14 -15.55 -2.94 -31.63
C GLU D 14 -16.86 -2.18 -31.50
N GLY D 15 -16.81 -1.07 -30.76
CA GLY D 15 -17.99 -0.27 -30.57
C GLY D 15 -18.83 -0.69 -29.38
N ARG D 16 -18.75 -1.98 -29.02
CA ARG D 16 -19.50 -2.51 -27.90
C ARG D 16 -18.91 -2.13 -26.54
N ILE D 17 -19.49 -2.69 -25.47
CA ILE D 17 -19.08 -2.42 -24.10
C ILE D 17 -18.26 -3.56 -23.53
N SER D 18 -17.24 -3.22 -22.77
CA SER D 18 -16.40 -4.22 -22.13
C SER D 18 -16.39 -3.94 -20.63
N ILE D 19 -16.81 -4.94 -19.86
CA ILE D 19 -16.86 -4.83 -18.42
C ILE D 19 -15.96 -5.86 -17.77
N LEU D 20 -14.94 -5.39 -17.04
CA LEU D 20 -14.01 -6.25 -16.33
C LEU D 20 -14.35 -6.18 -14.83
N ASN D 21 -14.61 -7.33 -14.20
CA ASN D 21 -14.96 -7.42 -12.77
C ASN D 21 -13.77 -7.81 -11.89
N CYS D 22 -13.88 -7.55 -10.59
CA CYS D 22 -12.81 -7.85 -9.65
C CYS D 22 -13.39 -8.03 -8.23
N ASP D 23 -12.73 -8.85 -7.42
CA ASP D 23 -13.14 -9.11 -6.04
C ASP D 23 -11.89 -9.07 -5.20
N TYR D 24 -12.03 -8.86 -3.89
CA TYR D 24 -10.87 -8.80 -3.02
C TYR D 24 -11.14 -9.39 -1.62
N THR D 25 -10.09 -9.54 -0.80
CA THR D 25 -10.24 -10.10 0.54
C THR D 25 -10.15 -9.14 1.73
N ASN D 26 -8.96 -8.67 2.09
CA ASN D 26 -8.84 -7.83 3.28
C ASN D 26 -9.63 -6.52 3.33
N SER D 27 -10.23 -6.29 4.51
CA SER D 27 -11.03 -5.12 4.81
C SER D 27 -10.09 -3.94 5.05
N MET D 28 -8.79 -4.25 4.99
CA MET D 28 -7.71 -3.30 5.19
C MET D 28 -7.29 -2.57 3.91
N PHE D 29 -7.93 -2.89 2.77
CA PHE D 29 -7.62 -2.21 1.50
C PHE D 29 -8.37 -0.88 1.53
N ASP D 30 -7.62 0.24 1.38
CA ASP D 30 -8.19 1.58 1.45
C ASP D 30 -8.27 2.40 0.16
N TYR D 31 -7.61 1.92 -0.90
CA TYR D 31 -7.57 2.59 -2.19
C TYR D 31 -7.69 1.51 -3.25
N PHE D 32 -8.44 1.79 -4.32
CA PHE D 32 -8.66 0.83 -5.38
C PHE D 32 -8.33 1.47 -6.71
N LEU D 33 -7.68 0.71 -7.57
CA LEU D 33 -7.25 1.23 -8.86
C LEU D 33 -7.09 0.17 -9.94
N TRP D 34 -6.95 0.63 -11.18
CA TRP D 34 -6.77 -0.25 -12.32
C TRP D 34 -5.56 0.12 -13.16
N TYR D 35 -4.86 -0.90 -13.63
CA TYR D 35 -3.68 -0.76 -14.47
C TYR D 35 -3.94 -1.49 -15.79
N LYS D 36 -3.44 -0.91 -16.87
CA LYS D 36 -3.58 -1.46 -18.22
C LYS D 36 -2.16 -1.81 -18.66
N LYS D 37 -1.95 -3.00 -19.23
CA LYS D 37 -0.61 -3.41 -19.63
C LYS D 37 -0.47 -3.79 -21.09
N TYR D 38 0.40 -3.11 -21.83
CA TYR D 38 0.61 -3.45 -23.24
C TYR D 38 1.74 -4.48 -23.33
N PRO D 39 1.80 -5.28 -24.43
CA PRO D 39 2.85 -6.29 -24.60
C PRO D 39 4.25 -5.68 -24.66
N ALA D 40 5.21 -6.33 -24.01
CA ALA D 40 6.60 -5.88 -23.97
C ALA D 40 6.82 -4.53 -23.28
N GLU D 41 5.85 -4.12 -22.44
CA GLU D 41 5.93 -2.86 -21.69
C GLU D 41 5.47 -3.07 -20.25
N GLY D 42 5.75 -2.09 -19.41
CA GLY D 42 5.34 -2.17 -18.01
C GLY D 42 3.91 -1.69 -17.82
N PRO D 43 3.25 -2.10 -16.73
CA PRO D 43 1.87 -1.67 -16.46
C PRO D 43 1.71 -0.13 -16.30
N THR D 44 0.63 0.40 -16.87
CA THR D 44 0.30 1.83 -16.80
C THR D 44 -0.93 2.07 -15.93
N PHE D 45 -0.87 3.12 -15.10
CA PHE D 45 -1.96 3.48 -14.23
C PHE D 45 -3.10 3.85 -15.16
N LEU D 46 -4.29 3.31 -14.90
CA LEU D 46 -5.45 3.54 -15.75
C LEU D 46 -6.60 4.38 -15.13
N ILE D 47 -6.87 4.20 -13.83
CA ILE D 47 -7.96 4.90 -13.17
C ILE D 47 -8.09 4.44 -11.70
N SER D 48 -8.58 5.32 -10.81
CA SER D 48 -8.74 4.96 -9.39
C SER D 48 -10.14 5.24 -8.83
N ILE D 49 -10.33 4.87 -7.56
CA ILE D 49 -11.61 5.07 -6.87
C ILE D 49 -11.36 5.04 -5.36
N SER D 50 -11.84 6.09 -4.66
CA SER D 50 -11.68 6.19 -3.21
C SER D 50 -12.57 5.25 -2.49
N SER D 51 -12.13 4.82 -1.31
CA SER D 51 -12.91 3.88 -0.51
C SER D 51 -14.37 4.26 -0.28
N ILE D 52 -14.71 5.55 -0.36
CA ILE D 52 -16.09 5.96 -0.09
C ILE D 52 -17.04 6.15 -1.26
N LYS D 53 -16.49 6.40 -2.45
CA LYS D 53 -17.32 6.61 -3.62
C LYS D 53 -17.85 5.31 -4.19
N ASP D 54 -18.85 5.41 -5.06
CA ASP D 54 -19.41 4.22 -5.67
C ASP D 54 -18.94 4.09 -7.12
N LYS D 55 -19.02 5.17 -7.87
CA LYS D 55 -18.58 5.13 -9.26
C LYS D 55 -17.59 6.26 -9.52
N ASN D 56 -16.76 6.10 -10.54
CA ASN D 56 -15.79 7.11 -10.93
C ASN D 56 -15.51 6.96 -12.43
N ALA D 57 -15.37 8.08 -13.13
CA ALA D 57 -15.14 7.97 -14.57
C ALA D 57 -14.28 9.01 -15.25
N ASP D 58 -13.26 8.55 -15.97
CA ASP D 58 -12.40 9.42 -16.75
C ASP D 58 -12.61 8.95 -18.19
N GLY D 59 -13.28 9.79 -18.97
CA GLY D 59 -13.56 9.52 -20.38
C GLY D 59 -13.47 8.10 -20.92
N ARG D 60 -14.62 7.44 -20.98
CA ARG D 60 -14.78 6.07 -21.47
C ARG D 60 -14.60 5.01 -20.39
N PHE D 61 -13.86 5.35 -19.34
CA PHE D 61 -13.63 4.42 -18.26
C PHE D 61 -14.47 4.78 -17.05
N THR D 62 -15.13 3.79 -16.50
CA THR D 62 -15.96 4.03 -15.33
C THR D 62 -15.66 2.92 -14.36
N VAL D 63 -15.30 3.27 -13.13
CA VAL D 63 -14.99 2.27 -12.12
C VAL D 63 -16.12 2.20 -11.11
N PHE D 64 -16.46 0.99 -10.70
CA PHE D 64 -17.51 0.79 -9.74
C PHE D 64 -17.00 0.02 -8.55
N LEU D 65 -17.18 0.60 -7.38
CA LEU D 65 -16.80 -0.01 -6.11
C LEU D 65 -18.11 -0.38 -5.41
N ASN D 66 -18.08 -1.45 -4.65
CA ASN D 66 -19.24 -1.93 -3.93
C ASN D 66 -18.67 -2.69 -2.77
N LYS D 67 -18.17 -1.93 -1.80
CA LYS D 67 -17.53 -2.49 -0.62
C LYS D 67 -18.31 -3.58 0.10
N SER D 68 -19.63 -3.47 0.08
CA SER D 68 -20.44 -4.49 0.75
C SER D 68 -20.11 -5.85 0.19
N ALA D 69 -19.91 -5.91 -1.12
CA ALA D 69 -19.56 -7.17 -1.79
C ALA D 69 -18.07 -7.31 -2.05
N LYS D 70 -17.28 -6.29 -1.71
CA LYS D 70 -15.83 -6.34 -1.92
C LYS D 70 -15.59 -6.72 -3.39
N HIS D 71 -16.18 -5.93 -4.29
CA HIS D 71 -16.08 -6.15 -5.72
C HIS D 71 -15.91 -4.81 -6.43
N LEU D 72 -14.91 -4.76 -7.31
CA LEU D 72 -14.61 -3.55 -8.08
C LEU D 72 -14.82 -3.89 -9.57
N SER D 73 -15.12 -2.89 -10.38
CA SER D 73 -15.34 -3.14 -11.80
C SER D 73 -14.90 -1.99 -12.67
N LEU D 74 -14.77 -2.27 -13.97
CA LEU D 74 -14.35 -1.28 -14.94
C LEU D 74 -15.17 -1.43 -16.19
N HIS D 75 -15.83 -0.36 -16.59
CA HIS D 75 -16.60 -0.39 -17.82
C HIS D 75 -15.93 0.47 -18.86
N ILE D 76 -15.60 -0.13 -20.00
CA ILE D 76 -15.00 0.57 -21.12
C ILE D 76 -16.06 0.64 -22.19
N VAL D 77 -16.56 1.86 -22.38
CA VAL D 77 -17.58 2.17 -23.36
C VAL D 77 -17.21 3.54 -23.91
N PRO D 78 -17.03 3.67 -25.24
CA PRO D 78 -17.16 2.55 -26.20
C PRO D 78 -15.78 1.94 -26.38
N SER D 79 -15.71 0.61 -26.49
CA SER D 79 -14.40 0.04 -26.68
C SER D 79 -13.83 0.13 -28.10
N GLN D 80 -12.55 0.55 -28.18
CA GLN D 80 -11.78 0.70 -29.42
C GLN D 80 -10.72 -0.42 -29.46
N PRO D 81 -10.24 -0.82 -30.66
CA PRO D 81 -9.23 -1.88 -30.80
C PRO D 81 -7.90 -1.57 -30.10
N GLY D 82 -7.61 -0.29 -29.88
CA GLY D 82 -6.39 0.07 -29.18
C GLY D 82 -6.47 -0.35 -27.73
N ASP D 83 -7.69 -0.65 -27.26
CA ASP D 83 -7.93 -1.07 -25.88
C ASP D 83 -7.49 -2.48 -25.54
N SER D 84 -7.20 -3.30 -26.55
CA SER D 84 -6.76 -4.66 -26.29
C SER D 84 -5.53 -4.53 -25.43
N ALA D 85 -5.53 -5.23 -24.31
CA ALA D 85 -4.43 -5.19 -23.38
C ALA D 85 -4.83 -6.04 -22.20
N VAL D 86 -3.91 -6.27 -21.28
CA VAL D 86 -4.25 -7.04 -20.09
C VAL D 86 -4.48 -5.95 -19.07
N TYR D 87 -5.67 -5.99 -18.47
CA TYR D 87 -6.04 -5.03 -17.45
C TYR D 87 -5.92 -5.64 -16.05
N PHE D 88 -5.11 -5.01 -15.22
CA PHE D 88 -4.89 -5.45 -13.85
C PHE D 88 -5.62 -4.61 -12.82
N CYS D 89 -6.48 -5.26 -12.05
CA CYS D 89 -7.22 -4.64 -10.96
C CYS D 89 -6.32 -4.69 -9.73
N ALA D 90 -6.17 -3.57 -9.04
CA ALA D 90 -5.31 -3.49 -7.87
C ALA D 90 -5.94 -2.73 -6.71
N ALA D 91 -5.35 -2.87 -5.54
CA ALA D 91 -5.80 -2.23 -4.32
C ALA D 91 -4.59 -1.99 -3.41
N MET D 92 -4.55 -0.88 -2.68
CA MET D 92 -3.42 -0.65 -1.79
C MET D 92 -3.82 -0.84 -0.34
N GLU D 93 -2.84 -1.17 0.49
CA GLU D 93 -3.04 -1.30 1.92
C GLU D 93 -2.08 -0.20 2.46
N GLY D 94 -2.48 1.05 2.26
CA GLY D 94 -1.66 2.18 2.62
C GLY D 94 -1.03 2.60 1.29
N ALA D 95 -0.16 3.60 1.27
CA ALA D 95 0.44 4.03 0.01
C ALA D 95 1.75 3.34 -0.35
N GLN D 96 2.18 2.42 0.50
CA GLN D 96 3.44 1.70 0.28
C GLN D 96 3.28 0.20 0.01
N LYS D 97 2.08 -0.20 -0.36
CA LYS D 97 1.79 -1.57 -0.73
C LYS D 97 0.69 -1.62 -1.77
N LEU D 98 0.99 -2.26 -2.90
CA LEU D 98 0.06 -2.43 -4.01
C LEU D 98 -0.15 -3.94 -4.16
N VAL D 99 -1.38 -4.36 -4.40
CA VAL D 99 -1.67 -5.76 -4.57
C VAL D 99 -2.46 -5.94 -5.85
N PHE D 100 -1.86 -6.63 -6.81
CA PHE D 100 -2.51 -6.87 -8.08
C PHE D 100 -3.24 -8.19 -8.10
N GLY D 101 -4.05 -8.35 -9.14
CA GLY D 101 -4.79 -9.57 -9.33
C GLY D 101 -4.17 -10.33 -10.49
N GLN D 102 -4.90 -11.32 -10.99
CA GLN D 102 -4.41 -12.15 -12.06
C GLN D 102 -4.37 -11.43 -13.41
N GLY D 103 -5.21 -10.41 -13.55
CA GLY D 103 -5.28 -9.66 -14.80
C GLY D 103 -6.22 -10.35 -15.78
N THR D 104 -6.73 -9.58 -16.75
CA THR D 104 -7.63 -10.10 -17.77
C THR D 104 -7.26 -9.50 -19.12
N ARG D 105 -7.07 -10.38 -20.10
CA ARG D 105 -6.74 -9.95 -21.45
C ARG D 105 -7.97 -9.48 -22.16
N LEU D 106 -7.99 -8.21 -22.51
CA LEU D 106 -9.10 -7.70 -23.24
C LEU D 106 -8.68 -7.67 -24.69
N THR D 107 -9.53 -8.23 -25.55
CA THR D 107 -9.29 -8.27 -26.98
C THR D 107 -10.46 -7.58 -27.65
N ILE D 108 -10.24 -6.33 -28.05
CA ILE D 108 -11.25 -5.57 -28.75
C ILE D 108 -11.04 -5.89 -30.25
N ASN D 109 -11.98 -6.65 -30.80
CA ASN D 109 -11.96 -7.09 -32.20
C ASN D 109 -12.47 -6.03 -33.18
N PRO D 110 -11.66 -5.69 -34.20
CA PRO D 110 -12.10 -4.67 -35.18
C PRO D 110 -13.24 -5.20 -36.05
N ASN D 111 -14.07 -4.30 -36.56
CA ASN D 111 -15.20 -4.69 -37.41
C ASN D 111 -14.64 -4.91 -38.81
N ILE D 112 -14.94 -6.05 -39.43
CA ILE D 112 -14.45 -6.31 -40.79
C ILE D 112 -15.54 -5.89 -41.79
N GLN D 113 -15.21 -4.93 -42.65
CA GLN D 113 -16.13 -4.40 -43.66
C GLN D 113 -16.53 -5.42 -44.72
N ASN D 114 -15.54 -5.96 -45.44
CA ASN D 114 -15.83 -6.96 -46.47
C ASN D 114 -14.86 -8.14 -46.38
N PRO D 115 -15.19 -9.17 -45.57
CA PRO D 115 -14.35 -10.36 -45.38
C PRO D 115 -14.59 -11.49 -46.36
N ASP D 116 -13.57 -12.33 -46.46
CA ASP D 116 -13.58 -13.52 -47.32
C ASP D 116 -12.44 -14.42 -46.83
N PRO D 117 -12.75 -15.31 -45.87
CA PRO D 117 -11.81 -16.25 -45.26
C PRO D 117 -11.15 -17.07 -46.34
N ALA D 118 -9.99 -17.64 -46.03
CA ALA D 118 -9.27 -18.46 -46.98
C ALA D 118 -8.00 -19.02 -46.35
N VAL D 119 -7.60 -20.21 -46.78
CA VAL D 119 -6.35 -20.78 -46.30
C VAL D 119 -5.49 -20.88 -47.55
N TYR D 120 -4.30 -20.28 -47.48
CA TYR D 120 -3.38 -20.26 -48.60
C TYR D 120 -2.11 -20.99 -48.19
N GLN D 121 -1.49 -21.69 -49.15
CA GLN D 121 -0.24 -22.39 -48.85
C GLN D 121 0.84 -21.51 -49.42
N LEU D 122 1.81 -21.16 -48.60
CA LEU D 122 2.89 -20.30 -49.03
C LEU D 122 4.12 -21.15 -48.96
N ARG D 123 5.04 -20.96 -49.91
CA ARG D 123 6.27 -21.76 -49.97
C ARG D 123 7.52 -20.92 -49.67
N ASP D 124 8.48 -21.54 -48.99
CA ASP D 124 9.74 -20.90 -48.62
C ASP D 124 10.47 -20.18 -49.77
N SER D 125 11.06 -19.04 -49.42
CA SER D 125 11.84 -18.25 -50.35
C SER D 125 12.97 -19.12 -50.87
N LYS D 126 13.36 -20.08 -50.04
CA LYS D 126 14.43 -21.02 -50.36
C LYS D 126 13.94 -22.49 -50.41
N SER D 131 6.53 -25.29 -46.46
CA SER D 131 5.17 -24.72 -46.67
C SER D 131 4.44 -24.42 -45.36
N VAL D 132 3.84 -23.25 -45.27
CA VAL D 132 3.06 -22.84 -44.11
C VAL D 132 1.67 -22.41 -44.61
N CYS D 133 0.63 -22.78 -43.88
CA CYS D 133 -0.74 -22.42 -44.24
C CYS D 133 -1.17 -21.13 -43.58
N LEU D 134 -1.63 -20.19 -44.37
CA LEU D 134 -2.10 -18.90 -43.86
C LEU D 134 -3.61 -18.81 -43.98
N PHE D 135 -4.30 -18.77 -42.83
CA PHE D 135 -5.76 -18.65 -42.71
C PHE D 135 -5.92 -17.17 -42.45
N THR D 136 -6.47 -16.45 -43.42
CA THR D 136 -6.59 -15.02 -43.31
C THR D 136 -7.93 -14.52 -43.83
N ASP D 137 -8.14 -13.21 -43.64
CA ASP D 137 -9.34 -12.48 -44.09
C ASP D 137 -10.64 -12.89 -43.45
N PHE D 138 -10.56 -13.72 -42.41
CA PHE D 138 -11.77 -14.17 -41.73
C PHE D 138 -12.43 -13.13 -40.82
N ASP D 139 -13.64 -13.45 -40.35
CA ASP D 139 -14.38 -12.55 -39.47
C ASP D 139 -13.89 -12.70 -38.05
N SER D 140 -13.87 -11.58 -37.32
CA SER D 140 -13.45 -11.53 -35.92
C SER D 140 -14.40 -12.35 -35.03
N GLN D 141 -15.30 -13.09 -35.67
CA GLN D 141 -16.28 -13.94 -35.03
C GLN D 141 -15.70 -15.35 -34.86
N THR D 142 -14.88 -15.75 -35.83
CA THR D 142 -14.23 -17.06 -35.86
C THR D 142 -13.06 -17.09 -34.88
N ASN D 143 -13.09 -18.08 -33.98
CA ASN D 143 -12.08 -18.18 -32.91
C ASN D 143 -10.69 -18.74 -33.16
N VAL D 144 -10.52 -19.66 -34.09
CA VAL D 144 -9.20 -20.29 -34.35
C VAL D 144 -8.75 -21.28 -33.30
N SER D 145 -8.91 -22.53 -33.68
CA SER D 145 -8.56 -23.63 -32.85
C SER D 145 -7.11 -24.02 -33.03
N GLN D 146 -6.46 -24.39 -31.95
CA GLN D 146 -5.07 -24.75 -32.02
C GLN D 146 -4.83 -26.18 -32.50
N SER D 147 -3.55 -26.56 -32.51
CA SER D 147 -3.09 -27.89 -32.94
C SER D 147 -3.91 -29.04 -32.33
N LYS D 148 -4.12 -30.10 -33.10
CA LYS D 148 -4.85 -31.29 -32.63
C LYS D 148 -3.83 -32.40 -32.52
N ASP D 149 -2.93 -32.42 -33.49
CA ASP D 149 -1.87 -33.34 -33.66
C ASP D 149 -0.66 -32.61 -33.07
N SER D 150 0.03 -33.24 -32.14
CA SER D 150 1.19 -32.61 -31.49
C SER D 150 2.33 -32.20 -32.43
N ASP D 151 2.37 -32.82 -33.61
CA ASP D 151 3.42 -32.55 -34.60
C ASP D 151 3.00 -31.54 -35.67
N VAL D 152 2.01 -30.71 -35.35
CA VAL D 152 1.49 -29.73 -36.29
C VAL D 152 1.23 -28.46 -35.52
N TYR D 153 1.85 -27.36 -35.91
CA TYR D 153 1.70 -26.09 -35.19
C TYR D 153 0.74 -25.04 -35.78
N ILE D 154 -0.10 -24.49 -34.92
CA ILE D 154 -1.06 -23.46 -35.33
C ILE D 154 -0.87 -22.29 -34.38
N THR D 155 -0.85 -21.07 -34.91
CA THR D 155 -0.64 -19.89 -34.08
C THR D 155 -1.98 -19.27 -33.67
N ASP D 156 -1.97 -18.45 -32.62
CA ASP D 156 -3.19 -17.79 -32.16
C ASP D 156 -3.45 -16.57 -33.04
N LYS D 157 -4.71 -16.42 -33.46
CA LYS D 157 -5.12 -15.33 -34.33
C LYS D 157 -4.67 -13.93 -33.89
N THR D 158 -4.29 -13.10 -34.85
CA THR D 158 -3.87 -11.73 -34.62
C THR D 158 -4.52 -10.84 -35.68
N VAL D 159 -4.35 -9.54 -35.53
CA VAL D 159 -4.93 -8.61 -36.47
C VAL D 159 -3.88 -7.67 -37.04
N LEU D 160 -3.81 -7.53 -38.37
CA LEU D 160 -2.86 -6.61 -39.01
C LEU D 160 -3.55 -5.42 -39.69
N ASP D 161 -2.98 -4.24 -39.47
CA ASP D 161 -3.52 -3.02 -39.99
C ASP D 161 -2.69 -2.37 -41.11
N MET D 162 -3.38 -1.72 -42.06
CA MET D 162 -2.76 -1.06 -43.20
C MET D 162 -3.26 0.36 -43.34
N ARG D 163 -2.34 1.29 -43.60
CA ARG D 163 -2.69 2.69 -43.67
C ARG D 163 -3.28 3.30 -44.95
N PHE D 167 -6.86 -1.09 -44.34
CA PHE D 167 -7.35 -2.48 -44.36
C PHE D 167 -6.96 -3.19 -43.09
N LYS D 168 -7.90 -3.93 -42.53
CA LYS D 168 -7.62 -4.71 -41.33
C LYS D 168 -7.93 -6.14 -41.70
N SER D 169 -7.03 -7.06 -41.36
CA SER D 169 -7.24 -8.49 -41.63
C SER D 169 -6.91 -9.42 -40.46
N ASN D 170 -7.59 -10.57 -40.42
CA ASN D 170 -7.39 -11.57 -39.37
C ASN D 170 -6.60 -12.73 -39.96
N SER D 171 -5.52 -13.13 -39.27
CA SER D 171 -4.67 -14.22 -39.75
C SER D 171 -4.18 -15.19 -38.65
N ALA D 172 -3.98 -16.45 -39.02
CA ALA D 172 -3.49 -17.48 -38.11
C ALA D 172 -2.66 -18.38 -39.01
N VAL D 173 -1.47 -18.78 -38.57
CA VAL D 173 -0.61 -19.62 -39.41
C VAL D 173 -0.47 -21.09 -38.94
N ALA D 174 -0.42 -22.01 -39.91
CA ALA D 174 -0.26 -23.44 -39.63
C ALA D 174 0.89 -24.10 -40.41
N TRP D 175 1.75 -24.83 -39.71
CA TRP D 175 2.88 -25.53 -40.34
C TRP D 175 3.22 -26.82 -39.59
N SER D 176 3.80 -27.78 -40.30
CA SER D 176 4.18 -29.06 -39.71
C SER D 176 5.18 -29.70 -40.64
N ASN D 177 6.21 -30.33 -40.09
CA ASN D 177 7.19 -31.01 -40.91
C ASN D 177 6.76 -32.46 -41.06
N LYS D 178 5.57 -32.63 -41.62
CA LYS D 178 5.01 -33.95 -41.86
C LYS D 178 5.00 -34.21 -43.37
N SER D 179 4.64 -35.42 -43.77
CA SER D 179 4.65 -35.83 -45.19
C SER D 179 3.62 -35.13 -46.07
N ASP D 180 2.35 -35.49 -45.88
CA ASP D 180 1.24 -34.92 -46.67
C ASP D 180 0.28 -34.04 -45.87
N PHE D 181 0.80 -33.42 -44.81
CA PHE D 181 0.00 -32.52 -43.97
C PHE D 181 -0.32 -31.51 -45.06
N ALA D 182 -1.55 -31.08 -45.15
CA ALA D 182 -1.94 -30.14 -46.19
C ALA D 182 -2.83 -29.10 -45.61
N CYS D 183 -2.72 -27.89 -46.15
CA CYS D 183 -3.54 -26.77 -45.72
C CYS D 183 -4.97 -27.23 -45.53
N ALA D 184 -5.44 -28.00 -46.51
CA ALA D 184 -6.80 -28.53 -46.52
C ALA D 184 -7.28 -28.90 -45.11
N ASN D 185 -6.54 -29.77 -44.42
CA ASN D 185 -6.89 -30.19 -43.08
C ASN D 185 -6.41 -29.22 -42.01
N ALA D 186 -5.16 -28.78 -42.11
CA ALA D 186 -4.54 -27.84 -41.17
C ALA D 186 -5.42 -27.26 -40.06
N PHE D 187 -6.23 -26.27 -40.41
CA PHE D 187 -7.12 -25.63 -39.46
C PHE D 187 -8.43 -26.37 -39.30
N ASN D 188 -8.37 -27.52 -38.66
CA ASN D 188 -9.53 -28.32 -38.39
C ASN D 188 -10.05 -27.97 -36.98
N ASN D 189 -11.18 -27.27 -36.99
CA ASN D 189 -12.03 -26.74 -35.87
C ASN D 189 -12.46 -25.28 -36.23
N SER D 190 -13.78 -25.07 -36.33
CA SER D 190 -14.49 -23.77 -36.61
C SER D 190 -14.14 -22.76 -37.72
N ILE D 191 -14.75 -22.90 -38.91
CA ILE D 191 -14.51 -22.01 -40.06
C ILE D 191 -15.49 -22.24 -41.21
N ILE D 192 -15.40 -21.41 -42.25
CA ILE D 192 -16.18 -21.59 -43.47
C ILE D 192 -15.47 -20.95 -44.66
N PRO D 193 -15.61 -21.59 -45.84
CA PRO D 193 -15.11 -21.12 -47.13
C PRO D 193 -13.64 -20.93 -47.54
N GLU D 194 -13.51 -20.79 -48.85
CA GLU D 194 -12.29 -20.59 -49.63
C GLU D 194 -11.04 -21.41 -49.39
N ASP D 195 -11.11 -22.64 -49.84
CA ASP D 195 -9.98 -23.53 -49.74
C ASP D 195 -9.52 -23.55 -51.18
N THR D 196 -8.56 -22.67 -51.42
CA THR D 196 -7.95 -22.51 -52.71
C THR D 196 -7.53 -23.89 -53.25
N PHE D 197 -7.08 -23.95 -54.51
CA PHE D 197 -6.70 -25.22 -55.17
C PHE D 197 -5.17 -25.44 -55.20
N GLY E 3 12.38 8.60 -16.68
CA GLY E 3 11.47 7.50 -16.20
C GLY E 3 12.24 6.43 -15.42
N VAL E 4 11.66 5.25 -15.31
CA VAL E 4 12.30 4.12 -14.63
C VAL E 4 12.88 3.18 -15.68
N THR E 5 14.20 3.04 -15.64
CA THR E 5 14.92 2.19 -16.57
C THR E 5 15.41 0.96 -15.83
N GLN E 6 15.47 -0.16 -16.54
CA GLN E 6 15.97 -1.39 -15.96
C GLN E 6 16.68 -2.23 -17.03
N THR E 7 17.87 -2.67 -16.68
CA THR E 7 18.72 -3.47 -17.55
C THR E 7 19.04 -4.77 -16.82
N PRO E 8 19.24 -5.88 -17.56
CA PRO E 8 19.18 -6.06 -19.01
C PRO E 8 17.74 -6.28 -19.40
N LYS E 9 17.48 -6.42 -20.69
CA LYS E 9 16.14 -6.65 -21.21
C LYS E 9 15.83 -8.14 -21.17
N PHE E 10 16.83 -8.94 -21.55
CA PHE E 10 16.74 -10.41 -21.58
C PHE E 10 17.98 -10.97 -20.91
N GLN E 11 17.83 -12.12 -20.27
CA GLN E 11 18.93 -12.75 -19.58
C GLN E 11 18.67 -14.26 -19.55
N VAL E 12 19.75 -15.05 -19.69
CA VAL E 12 19.69 -16.51 -19.62
C VAL E 12 20.75 -16.91 -18.61
N LEU E 13 20.38 -17.76 -17.67
CA LEU E 13 21.30 -18.20 -16.64
C LEU E 13 21.14 -19.70 -16.51
N LYS E 14 22.14 -20.31 -15.89
CA LYS E 14 22.12 -21.74 -15.65
C LYS E 14 21.99 -21.86 -14.15
N THR E 15 21.17 -22.82 -13.70
CA THR E 15 20.97 -23.02 -12.27
C THR E 15 22.29 -22.87 -11.52
N GLY E 16 22.32 -21.97 -10.54
CA GLY E 16 23.54 -21.77 -9.78
C GLY E 16 24.20 -20.42 -9.97
N GLN E 17 23.92 -19.76 -11.09
CA GLN E 17 24.51 -18.45 -11.37
C GLN E 17 23.82 -17.35 -10.60
N SER E 18 24.59 -16.35 -10.21
CA SER E 18 24.04 -15.21 -9.51
C SER E 18 23.70 -14.23 -10.62
N MET E 19 22.88 -13.22 -10.34
CA MET E 19 22.50 -12.25 -11.35
C MET E 19 21.94 -11.06 -10.63
N THR E 20 22.22 -9.85 -11.09
CA THR E 20 21.61 -8.69 -10.44
C THR E 20 20.87 -7.85 -11.50
N LEU E 21 19.62 -7.50 -11.19
CA LEU E 21 18.78 -6.72 -12.08
C LEU E 21 18.93 -5.29 -11.67
N GLN E 22 19.21 -4.43 -12.63
CA GLN E 22 19.39 -3.02 -12.34
C GLN E 22 18.12 -2.23 -12.53
N CYS E 23 17.82 -1.37 -11.57
CA CYS E 23 16.64 -0.51 -11.64
C CYS E 23 17.04 0.89 -11.26
N ALA E 24 16.80 1.82 -12.18
CA ALA E 24 17.14 3.20 -11.97
C ALA E 24 15.95 4.09 -12.28
N GLN E 25 15.72 5.05 -11.41
CA GLN E 25 14.63 6.01 -11.57
C GLN E 25 15.31 7.37 -11.44
N ASP E 26 14.94 8.30 -12.31
CA ASP E 26 15.53 9.64 -12.31
C ASP E 26 14.55 10.71 -11.78
N MET E 27 13.42 10.26 -11.24
CA MET E 27 12.39 11.16 -10.75
C MET E 27 12.44 11.51 -9.27
N ASN E 28 13.52 11.18 -8.59
CA ASN E 28 13.65 11.48 -7.18
C ASN E 28 12.48 10.92 -6.40
N HIS E 29 12.06 9.73 -6.77
CA HIS E 29 10.95 9.05 -6.11
C HIS E 29 11.59 8.27 -4.98
N GLU E 30 10.97 8.31 -3.80
CA GLU E 30 11.51 7.64 -2.63
C GLU E 30 11.21 6.15 -2.47
N TYR E 31 10.12 5.70 -3.08
CA TYR E 31 9.71 4.32 -2.95
C TYR E 31 9.88 3.59 -4.26
N MET E 32 10.48 2.40 -4.17
CA MET E 32 10.75 1.57 -5.33
C MET E 32 10.42 0.12 -4.98
N SER E 33 9.91 -0.62 -5.96
CA SER E 33 9.52 -2.00 -5.72
C SER E 33 9.86 -2.96 -6.85
N TRP E 34 9.88 -4.25 -6.55
CA TRP E 34 10.19 -5.27 -7.52
C TRP E 34 9.09 -6.33 -7.59
N TYR E 35 8.50 -6.51 -8.77
CA TYR E 35 7.45 -7.48 -9.01
C TYR E 35 7.91 -8.53 -10.04
N ARG E 36 7.10 -9.56 -10.23
CA ARG E 36 7.35 -10.62 -11.21
C ARG E 36 6.02 -11.17 -11.69
N GLN E 37 5.87 -11.22 -13.01
CA GLN E 37 4.64 -11.70 -13.60
C GLN E 37 4.74 -13.12 -14.13
N ASP E 38 3.85 -13.97 -13.64
CA ASP E 38 3.79 -15.37 -14.07
C ASP E 38 2.38 -15.56 -14.64
N PRO E 39 2.20 -16.47 -15.60
CA PRO E 39 0.88 -16.71 -16.21
C PRO E 39 -0.30 -16.91 -15.26
N GLY E 40 -0.10 -17.74 -14.25
CA GLY E 40 -1.20 -18.00 -13.33
C GLY E 40 -1.56 -16.94 -12.30
N MET E 41 -0.64 -16.06 -11.92
CA MET E 41 -0.95 -15.10 -10.87
C MET E 41 -0.57 -13.62 -11.00
N GLY E 42 -0.95 -12.98 -12.10
CA GLY E 42 -0.64 -11.56 -12.26
C GLY E 42 0.74 -11.20 -11.74
N LEU E 43 0.86 -10.04 -11.11
CA LEU E 43 2.13 -9.57 -10.57
C LEU E 43 2.16 -9.86 -9.07
N ARG E 44 3.36 -10.01 -8.52
CA ARG E 44 3.54 -10.30 -7.11
C ARG E 44 4.74 -9.50 -6.62
N LEU E 45 4.66 -8.97 -5.40
CA LEU E 45 5.76 -8.17 -4.86
C LEU E 45 6.84 -9.08 -4.29
N ILE E 46 8.09 -8.74 -4.57
CA ILE E 46 9.23 -9.51 -4.12
C ILE E 46 9.79 -8.78 -2.91
N HIS E 47 10.19 -7.53 -3.12
CA HIS E 47 10.75 -6.67 -2.08
C HIS E 47 10.38 -5.26 -2.47
N TYR E 48 10.40 -4.34 -1.51
CA TYR E 48 10.08 -2.95 -1.79
C TYR E 48 10.96 -2.12 -0.88
N SER E 49 11.15 -0.86 -1.24
CA SER E 49 11.97 0.03 -0.43
C SER E 49 11.23 1.33 -0.29
N VAL E 50 11.00 1.72 0.96
CA VAL E 50 10.28 2.95 1.23
C VAL E 50 11.23 4.12 1.16
N GLY E 51 12.53 3.85 1.03
CA GLY E 51 13.47 4.94 0.96
C GLY E 51 14.91 4.54 1.16
N ALA E 52 15.81 5.48 0.83
CA ALA E 52 17.23 5.25 0.95
C ALA E 52 17.61 4.56 2.26
N GLY E 53 18.28 3.43 2.14
CA GLY E 53 18.76 2.69 3.29
C GLY E 53 17.77 1.76 3.93
N ILE E 54 16.56 1.72 3.42
CA ILE E 54 15.53 0.89 4.02
C ILE E 54 15.00 -0.12 3.02
N THR E 55 14.75 -1.35 3.47
CA THR E 55 14.24 -2.41 2.58
C THR E 55 13.39 -3.40 3.38
N ASP E 56 12.39 -4.01 2.73
CA ASP E 56 11.55 -5.00 3.39
C ASP E 56 10.96 -5.93 2.36
N GLN E 57 10.68 -7.15 2.80
CA GLN E 57 10.15 -8.19 1.93
C GLN E 57 8.68 -8.08 1.60
N GLY E 58 8.32 -8.64 0.46
CA GLY E 58 6.94 -8.63 0.01
C GLY E 58 6.35 -10.03 0.10
N GLU E 59 5.49 -10.38 -0.85
CA GLU E 59 4.83 -11.69 -0.87
C GLU E 59 5.82 -12.83 -1.14
N VAL E 60 6.52 -12.74 -2.25
CA VAL E 60 7.48 -13.77 -2.68
C VAL E 60 8.94 -13.31 -2.67
N PRO E 61 9.52 -13.14 -1.48
CA PRO E 61 10.91 -12.70 -1.29
C PRO E 61 12.01 -13.77 -1.27
N ASN E 62 11.63 -15.04 -1.28
CA ASN E 62 12.60 -16.13 -1.23
C ASN E 62 13.47 -16.28 -2.48
N GLY E 63 14.79 -16.21 -2.28
CA GLY E 63 15.71 -16.35 -3.39
C GLY E 63 16.35 -15.07 -3.87
N TYR E 64 15.72 -13.94 -3.54
CA TYR E 64 16.24 -12.66 -3.95
C TYR E 64 16.65 -11.82 -2.76
N ASN E 65 17.65 -10.99 -2.99
CA ASN E 65 18.18 -10.08 -1.99
C ASN E 65 17.94 -8.74 -2.65
N VAL E 66 18.00 -7.66 -1.89
CA VAL E 66 17.79 -6.36 -2.48
C VAL E 66 18.47 -5.35 -1.59
N SER E 67 18.81 -4.19 -2.14
CA SER E 67 19.49 -3.16 -1.37
C SER E 67 19.13 -1.78 -1.92
N ARG E 68 19.41 -0.74 -1.14
CA ARG E 68 19.07 0.62 -1.54
C ARG E 68 20.02 1.62 -0.90
N SER E 69 21.21 1.77 -1.45
CA SER E 69 22.18 2.71 -0.87
C SER E 69 21.99 4.09 -1.47
N THR E 70 21.15 4.16 -2.48
CA THR E 70 20.83 5.41 -3.16
C THR E 70 19.34 5.47 -3.43
N THR E 71 18.78 6.66 -3.53
CA THR E 71 17.38 6.78 -3.80
C THR E 71 17.14 6.57 -5.29
N GLU E 72 18.22 6.64 -6.06
CA GLU E 72 18.15 6.48 -7.50
C GLU E 72 18.10 5.05 -7.99
N ASP E 73 18.81 4.13 -7.30
CA ASP E 73 18.86 2.72 -7.72
C ASP E 73 18.36 1.73 -6.69
N PHE E 74 17.75 0.64 -7.16
CA PHE E 74 17.20 -0.44 -6.32
C PHE E 74 17.47 -1.79 -7.07
N PRO E 75 18.69 -2.34 -6.96
CA PRO E 75 19.12 -3.59 -7.61
C PRO E 75 18.61 -4.91 -7.03
N LEU E 76 18.03 -5.74 -7.89
CA LEU E 76 17.51 -7.04 -7.50
C LEU E 76 18.48 -8.20 -7.74
N ARG E 77 19.04 -8.77 -6.69
CA ARG E 77 19.99 -9.88 -6.81
C ARG E 77 19.41 -11.27 -6.63
N LEU E 78 19.75 -12.16 -7.55
CA LEU E 78 19.38 -13.57 -7.48
C LEU E 78 20.74 -14.20 -7.10
N LEU E 79 20.90 -14.62 -5.85
CA LEU E 79 22.19 -15.16 -5.42
C LEU E 79 22.65 -16.49 -6.07
N SER E 80 21.71 -17.34 -6.44
CA SER E 80 22.00 -18.61 -7.11
C SER E 80 20.72 -19.02 -7.78
N ALA E 81 20.66 -18.80 -9.09
CA ALA E 81 19.49 -19.09 -9.89
C ALA E 81 18.89 -20.48 -9.76
N ALA E 82 17.58 -20.54 -10.04
CA ALA E 82 16.78 -21.74 -9.96
C ALA E 82 15.69 -21.59 -11.03
N PRO E 83 15.27 -22.70 -11.66
CA PRO E 83 14.24 -22.74 -12.70
C PRO E 83 12.96 -22.00 -12.38
N SER E 84 12.63 -21.94 -11.09
CA SER E 84 11.42 -21.27 -10.62
C SER E 84 11.47 -19.74 -10.81
N GLN E 85 12.67 -19.18 -10.80
CA GLN E 85 12.84 -17.74 -10.96
C GLN E 85 12.71 -17.28 -12.42
N THR E 86 12.29 -18.21 -13.27
CA THR E 86 12.08 -17.93 -14.69
C THR E 86 10.82 -17.10 -14.77
N SER E 87 10.95 -15.82 -15.10
CA SER E 87 9.81 -14.94 -15.17
C SER E 87 10.20 -13.61 -15.81
N VAL E 88 9.27 -12.65 -15.82
CA VAL E 88 9.49 -11.31 -16.37
C VAL E 88 9.43 -10.43 -15.13
N TYR E 89 10.50 -9.67 -14.87
CA TYR E 89 10.61 -8.83 -13.70
C TYR E 89 10.40 -7.37 -14.00
N PHE E 90 9.62 -6.69 -13.16
CA PHE E 90 9.31 -5.28 -13.32
C PHE E 90 9.70 -4.47 -12.10
N CYS E 91 10.20 -3.26 -12.34
CA CYS E 91 10.60 -2.41 -11.26
C CYS E 91 9.62 -1.26 -11.25
N ALA E 92 9.28 -0.76 -10.06
CA ALA E 92 8.34 0.35 -9.94
C ALA E 92 8.74 1.36 -8.91
N SER E 93 8.30 2.59 -9.10
CA SER E 93 8.59 3.63 -8.14
C SER E 93 7.40 4.61 -8.00
N SER E 94 7.37 5.29 -6.85
CA SER E 94 6.34 6.27 -6.53
C SER E 94 6.89 7.15 -5.40
N TYR E 95 6.21 8.24 -5.10
CA TYR E 95 6.63 9.18 -4.07
C TYR E 95 5.40 9.46 -3.22
N PRO E 96 5.07 8.54 -2.30
CA PRO E 96 3.94 8.59 -1.39
C PRO E 96 3.79 9.88 -0.54
N GLY E 97 4.80 10.17 0.28
CA GLY E 97 4.79 11.34 1.15
C GLY E 97 4.75 12.67 0.45
N GLY E 98 4.58 12.65 -0.87
CA GLY E 98 4.50 13.88 -1.64
C GLY E 98 3.24 13.94 -2.49
N GLY E 99 2.35 12.97 -2.39
CA GLY E 99 1.12 12.98 -3.18
C GLY E 99 1.11 12.03 -4.38
N PHE E 100 2.23 11.38 -4.68
CA PHE E 100 2.30 10.45 -5.80
C PHE E 100 2.15 9.02 -5.30
N TYR E 101 0.90 8.57 -5.17
CA TYR E 101 0.62 7.22 -4.68
C TYR E 101 0.60 6.27 -5.87
N GLU E 102 0.20 6.83 -7.02
CA GLU E 102 0.13 6.11 -8.29
C GLU E 102 1.53 5.61 -8.68
N GLN E 103 1.67 4.31 -8.88
CA GLN E 103 2.97 3.71 -9.21
C GLN E 103 3.37 3.62 -10.66
N TYR E 104 4.66 3.84 -10.89
CA TYR E 104 5.24 3.85 -12.24
C TYR E 104 6.12 2.63 -12.49
N PHE E 105 5.83 1.88 -13.54
CA PHE E 105 6.61 0.68 -13.88
C PHE E 105 7.70 0.77 -14.98
N GLY E 106 8.85 0.15 -14.71
CA GLY E 106 9.92 0.14 -15.68
C GLY E 106 9.49 -0.79 -16.80
N PRO E 107 10.26 -0.86 -17.91
CA PRO E 107 9.90 -1.73 -19.04
C PRO E 107 9.83 -3.25 -18.78
N GLY E 108 10.59 -3.76 -17.81
CA GLY E 108 10.57 -5.19 -17.49
C GLY E 108 11.74 -5.95 -18.08
N THR E 109 12.21 -6.98 -17.39
CA THR E 109 13.33 -7.78 -17.88
C THR E 109 12.97 -9.26 -17.87
N ARG E 110 13.04 -9.92 -19.04
CA ARG E 110 12.76 -11.36 -19.15
C ARG E 110 13.97 -12.15 -18.71
N LEU E 111 13.72 -13.17 -17.92
CA LEU E 111 14.79 -13.98 -17.42
C LEU E 111 14.37 -15.44 -17.53
N THR E 112 15.31 -16.27 -17.99
CA THR E 112 15.07 -17.71 -18.14
C THR E 112 16.26 -18.45 -17.55
N VAL E 113 15.99 -19.48 -16.77
CA VAL E 113 17.07 -20.24 -16.17
C VAL E 113 16.95 -21.73 -16.54
N THR E 114 18.05 -22.27 -17.08
CA THR E 114 18.14 -23.68 -17.48
C THR E 114 19.13 -24.46 -16.66
N GLU E 115 18.97 -25.78 -16.69
CA GLU E 115 19.85 -26.68 -15.96
C GLU E 115 21.17 -26.77 -16.70
N ASP E 116 21.11 -26.82 -18.04
CA ASP E 116 22.30 -26.91 -18.91
C ASP E 116 22.28 -25.91 -20.09
N LEU E 117 23.33 -25.08 -20.17
CA LEU E 117 23.50 -24.08 -21.22
C LEU E 117 23.56 -24.62 -22.65
N LYS E 118 23.65 -25.93 -22.80
CA LYS E 118 23.70 -26.58 -24.09
C LYS E 118 22.29 -26.52 -24.68
N ASN E 119 21.35 -26.05 -23.85
CA ASN E 119 19.93 -25.90 -24.21
C ASN E 119 19.65 -24.65 -25.02
N VAL E 120 20.51 -23.65 -24.85
CA VAL E 120 20.35 -22.39 -25.54
C VAL E 120 20.60 -22.68 -27.02
N PHE E 121 19.69 -22.23 -27.88
CA PHE E 121 19.77 -22.43 -29.31
C PHE E 121 19.32 -21.17 -30.03
N PRO E 122 20.07 -20.71 -31.03
CA PRO E 122 19.66 -19.51 -31.77
C PRO E 122 18.49 -19.93 -32.67
N PRO E 123 17.77 -18.95 -33.23
CA PRO E 123 16.63 -19.26 -34.12
C PRO E 123 17.01 -19.58 -35.57
N GLU E 124 16.08 -20.22 -36.28
CA GLU E 124 16.27 -20.53 -37.69
C GLU E 124 15.11 -19.88 -38.44
N VAL E 125 15.32 -18.65 -38.87
CA VAL E 125 14.24 -17.93 -39.54
C VAL E 125 14.15 -18.21 -41.04
N ALA E 126 12.95 -18.09 -41.58
CA ALA E 126 12.72 -18.34 -43.00
C ALA E 126 11.39 -17.71 -43.42
N VAL E 127 11.38 -16.95 -44.51
CA VAL E 127 10.14 -16.32 -45.00
C VAL E 127 9.50 -17.19 -46.05
N PHE E 128 8.19 -17.12 -46.15
CA PHE E 128 7.44 -17.91 -47.12
C PHE E 128 6.74 -16.90 -48.00
N GLU E 129 6.97 -16.99 -49.30
CA GLU E 129 6.39 -16.03 -50.22
C GLU E 129 4.88 -16.05 -50.30
N PRO E 130 4.28 -14.96 -50.78
CA PRO E 130 2.83 -14.78 -50.94
C PRO E 130 2.23 -15.90 -51.79
N SER E 131 0.93 -16.11 -51.65
CA SER E 131 0.22 -17.11 -52.43
C SER E 131 -0.11 -16.52 -53.79
N GLU E 132 0.02 -17.32 -54.85
CA GLU E 132 -0.29 -16.84 -56.19
C GLU E 132 -1.80 -16.62 -56.21
N ALA E 133 -2.50 -17.48 -55.47
CA ALA E 133 -3.94 -17.42 -55.38
C ALA E 133 -4.36 -16.14 -54.65
N GLU E 134 -3.71 -15.85 -53.53
CA GLU E 134 -4.01 -14.66 -52.75
C GLU E 134 -3.86 -13.39 -53.58
N ILE E 135 -2.71 -13.25 -54.22
CA ILE E 135 -2.43 -12.09 -55.06
C ILE E 135 -3.56 -11.92 -56.08
N SER E 136 -3.88 -13.01 -56.75
CA SER E 136 -4.93 -12.99 -57.75
C SER E 136 -6.27 -12.62 -57.14
N HIS E 137 -6.64 -13.37 -56.12
CA HIS E 137 -7.92 -13.25 -55.42
C HIS E 137 -8.22 -11.98 -54.64
N THR E 138 -7.22 -11.42 -53.97
CA THR E 138 -7.44 -10.25 -53.15
C THR E 138 -6.70 -8.98 -53.56
N GLN E 139 -5.64 -9.14 -54.36
CA GLN E 139 -4.80 -8.02 -54.82
C GLN E 139 -3.81 -7.55 -53.75
N LYS E 140 -3.62 -8.37 -52.72
CA LYS E 140 -2.70 -8.09 -51.62
C LYS E 140 -1.77 -9.31 -51.54
N ALA E 141 -0.58 -9.13 -50.96
CA ALA E 141 0.40 -10.20 -50.86
C ALA E 141 0.87 -10.31 -49.43
N THR E 142 0.73 -11.49 -48.85
CA THR E 142 1.15 -11.68 -47.47
C THR E 142 2.39 -12.55 -47.38
N LEU E 143 3.47 -11.96 -46.88
CA LEU E 143 4.72 -12.68 -46.69
C LEU E 143 4.62 -13.13 -45.25
N VAL E 144 5.17 -14.29 -44.94
CA VAL E 144 5.14 -14.79 -43.57
C VAL E 144 6.53 -15.23 -43.13
N CYS E 145 6.97 -14.70 -42.00
CA CYS E 145 8.27 -15.03 -41.45
C CYS E 145 8.09 -16.16 -40.47
N LEU E 146 9.07 -17.04 -40.36
CA LEU E 146 8.96 -18.16 -39.43
C LEU E 146 10.29 -18.42 -38.74
N ALA E 147 10.34 -18.05 -37.47
CA ALA E 147 11.53 -18.24 -36.66
C ALA E 147 11.27 -19.50 -35.86
N THR E 148 12.19 -20.46 -35.90
CA THR E 148 12.00 -21.69 -35.14
C THR E 148 13.26 -22.23 -34.52
N GLY E 149 13.08 -23.18 -33.61
CA GLY E 149 14.19 -23.85 -32.95
C GLY E 149 14.89 -23.13 -31.81
N PHE E 150 14.56 -21.87 -31.59
CA PHE E 150 15.19 -21.13 -30.52
C PHE E 150 14.76 -21.45 -29.08
N TYR E 151 15.71 -21.29 -28.17
CA TYR E 151 15.53 -21.46 -26.76
C TYR E 151 16.69 -20.66 -26.16
N PRO E 152 16.43 -19.74 -25.21
CA PRO E 152 15.16 -19.28 -24.60
C PRO E 152 14.33 -18.45 -25.55
N ASP E 153 13.04 -18.27 -25.23
CA ASP E 153 12.14 -17.49 -26.08
C ASP E 153 12.42 -15.97 -26.18
N HIS E 154 13.62 -15.52 -25.78
CA HIS E 154 13.97 -14.11 -25.84
C HIS E 154 14.22 -13.64 -27.28
N VAL E 155 13.17 -13.21 -27.98
CA VAL E 155 13.38 -12.74 -29.36
C VAL E 155 12.57 -11.51 -29.76
N GLU E 156 13.14 -10.79 -30.73
CA GLU E 156 12.56 -9.59 -31.31
C GLU E 156 12.60 -9.69 -32.84
N LEU E 157 11.44 -9.93 -33.45
CA LEU E 157 11.33 -10.05 -34.89
C LEU E 157 10.80 -8.75 -35.53
N SER E 158 11.53 -8.24 -36.53
CA SER E 158 11.15 -7.02 -37.24
C SER E 158 11.22 -7.20 -38.75
N TRP E 159 10.38 -6.47 -39.47
CA TRP E 159 10.36 -6.54 -40.92
C TRP E 159 11.01 -5.31 -41.53
N TRP E 160 11.80 -5.54 -42.58
CA TRP E 160 12.52 -4.47 -43.27
C TRP E 160 12.38 -4.56 -44.80
N VAL E 161 11.93 -3.49 -45.43
CA VAL E 161 11.78 -3.47 -46.89
C VAL E 161 12.73 -2.43 -47.44
N ASN E 162 13.51 -2.81 -48.43
CA ASN E 162 14.48 -1.90 -49.04
C ASN E 162 15.41 -1.33 -47.98
N GLY E 163 15.80 -2.18 -47.04
CA GLY E 163 16.72 -1.80 -45.98
C GLY E 163 16.15 -0.94 -44.87
N LYS E 164 14.94 -0.43 -45.03
CA LYS E 164 14.35 0.42 -44.00
C LYS E 164 13.27 -0.35 -43.26
N GLU E 165 13.23 -0.24 -41.94
CA GLU E 165 12.22 -0.95 -41.20
C GLU E 165 10.80 -0.53 -41.58
N VAL E 166 9.88 -1.48 -41.44
CA VAL E 166 8.46 -1.30 -41.75
C VAL E 166 7.62 -1.73 -40.54
N HIS E 167 6.50 -1.03 -40.34
CA HIS E 167 5.60 -1.32 -39.24
C HIS E 167 4.19 -1.59 -39.72
N SER E 168 3.80 -0.91 -40.79
CA SER E 168 2.47 -1.07 -41.37
C SER E 168 2.36 -2.46 -42.00
N GLY E 169 1.15 -2.98 -42.06
CA GLY E 169 0.94 -4.29 -42.66
C GLY E 169 1.53 -5.46 -41.91
N VAL E 170 2.35 -5.20 -40.90
CA VAL E 170 2.91 -6.31 -40.15
C VAL E 170 2.07 -6.66 -38.94
N SER E 171 2.10 -7.95 -38.62
CA SER E 171 1.38 -8.57 -37.51
C SER E 171 2.29 -9.68 -36.99
N THR E 172 2.59 -9.67 -35.71
CA THR E 172 3.48 -10.67 -35.15
C THR E 172 2.98 -11.21 -33.82
N ASP E 173 2.96 -12.54 -33.69
CA ASP E 173 2.52 -13.20 -32.46
C ASP E 173 3.02 -12.52 -31.19
N PRO E 174 2.11 -12.30 -30.24
CA PRO E 174 2.42 -11.65 -28.96
C PRO E 174 3.38 -12.47 -28.12
N GLN E 175 3.34 -13.79 -28.29
CA GLN E 175 4.19 -14.68 -27.53
C GLN E 175 4.55 -15.92 -28.34
N PRO E 176 5.81 -16.38 -28.27
CA PRO E 176 6.26 -17.56 -29.02
C PRO E 176 5.61 -18.85 -28.50
N LEU E 177 5.40 -19.80 -29.41
CA LEU E 177 4.82 -21.08 -29.03
C LEU E 177 5.87 -22.18 -28.83
N LYS E 178 5.74 -22.92 -27.73
CA LYS E 178 6.67 -24.02 -27.44
C LYS E 178 6.41 -25.09 -28.49
N GLU E 179 7.47 -25.62 -29.10
CA GLU E 179 7.29 -26.63 -30.15
C GLU E 179 7.46 -28.10 -29.72
N GLN E 180 7.52 -28.33 -28.42
CA GLN E 180 7.64 -29.66 -27.85
C GLN E 180 7.16 -29.46 -26.42
N PRO E 181 5.84 -29.27 -26.22
CA PRO E 181 5.15 -29.03 -24.94
C PRO E 181 5.43 -29.97 -23.78
N ALA E 182 5.81 -31.21 -24.08
CA ALA E 182 6.11 -32.17 -23.03
C ALA E 182 7.50 -31.94 -22.41
N LEU E 183 8.33 -31.18 -23.10
CA LEU E 183 9.68 -30.95 -22.64
C LEU E 183 9.91 -29.67 -21.89
N ASN E 184 10.74 -29.79 -20.87
CA ASN E 184 11.11 -28.67 -20.02
C ASN E 184 11.92 -27.71 -20.87
N ASP E 185 13.03 -28.21 -21.40
CA ASP E 185 13.91 -27.42 -22.25
C ASP E 185 13.31 -27.54 -23.64
N SER E 186 12.32 -26.71 -23.92
CA SER E 186 11.63 -26.76 -25.21
C SER E 186 12.10 -25.64 -26.08
N ARG E 187 11.97 -25.85 -27.38
CA ARG E 187 12.35 -24.87 -28.37
C ARG E 187 11.06 -24.10 -28.69
N TYR E 188 11.23 -22.85 -29.12
CA TYR E 188 10.13 -21.98 -29.43
C TYR E 188 10.09 -21.67 -30.90
N ALA E 189 8.94 -21.18 -31.34
CA ALA E 189 8.71 -20.81 -32.72
C ALA E 189 7.93 -19.52 -32.72
N LEU E 190 8.10 -18.71 -33.74
CA LEU E 190 7.40 -17.44 -33.82
C LEU E 190 7.13 -17.15 -35.28
N SER E 191 5.96 -16.63 -35.57
CA SER E 191 5.60 -16.30 -36.93
C SER E 191 5.15 -14.86 -36.96
N SER E 192 5.15 -14.27 -38.15
CA SER E 192 4.76 -12.89 -38.31
C SER E 192 4.32 -12.70 -39.74
N ARG E 193 3.51 -11.69 -39.97
CA ARG E 193 3.01 -11.43 -41.29
C ARG E 193 3.32 -10.01 -41.71
N LEU E 194 3.49 -9.84 -43.01
CA LEU E 194 3.73 -8.54 -43.62
C LEU E 194 2.87 -8.56 -44.87
N ARG E 195 1.85 -7.71 -44.89
CA ARG E 195 0.95 -7.65 -46.03
C ARG E 195 1.23 -6.38 -46.80
N VAL E 196 1.34 -6.51 -48.10
CA VAL E 196 1.61 -5.38 -48.97
C VAL E 196 0.64 -5.59 -50.13
N SER E 197 0.57 -4.62 -51.03
CA SER E 197 -0.31 -4.76 -52.18
C SER E 197 0.39 -5.68 -53.18
N ALA E 198 -0.36 -6.29 -54.08
CA ALA E 198 0.21 -7.19 -55.10
C ALA E 198 1.19 -6.37 -55.92
N THR E 199 0.77 -5.17 -56.27
CA THR E 199 1.56 -4.23 -57.02
C THR E 199 2.96 -4.09 -56.43
N PHE E 200 3.01 -3.94 -55.12
CA PHE E 200 4.27 -3.77 -54.40
C PHE E 200 5.15 -5.00 -54.41
N TRP E 201 4.53 -6.17 -54.33
CA TRP E 201 5.28 -7.42 -54.30
C TRP E 201 5.80 -7.77 -55.68
N GLN E 202 5.01 -7.46 -56.69
CA GLN E 202 5.37 -7.74 -58.08
C GLN E 202 6.45 -6.81 -58.66
N ASP E 203 6.97 -5.90 -57.83
CA ASP E 203 8.01 -4.96 -58.26
C ASP E 203 9.37 -5.52 -57.78
N PRO E 204 10.18 -6.06 -58.71
CA PRO E 204 11.49 -6.65 -58.41
C PRO E 204 12.47 -5.75 -57.64
N ARG E 205 12.15 -4.46 -57.61
CA ARG E 205 12.97 -3.47 -56.91
C ARG E 205 12.84 -3.58 -55.40
N ASN E 206 11.75 -4.18 -54.94
CA ASN E 206 11.49 -4.30 -53.52
C ASN E 206 12.07 -5.57 -52.93
N HIS E 207 12.79 -5.39 -51.83
CA HIS E 207 13.45 -6.49 -51.13
C HIS E 207 12.80 -6.50 -49.75
N PHE E 208 12.36 -7.68 -49.32
CA PHE E 208 11.72 -7.83 -48.04
C PHE E 208 12.60 -8.70 -47.16
N ARG E 209 12.73 -8.32 -45.90
CA ARG E 209 13.58 -9.05 -45.00
C ARG E 209 13.07 -9.18 -43.59
N CYS E 210 12.88 -10.41 -43.18
CA CYS E 210 12.44 -10.71 -41.84
C CYS E 210 13.68 -10.89 -41.01
N GLN E 211 13.81 -10.07 -39.98
CA GLN E 211 14.96 -10.13 -39.09
C GLN E 211 14.51 -10.57 -37.71
N VAL E 212 15.29 -11.41 -37.05
CA VAL E 212 14.91 -11.85 -35.72
C VAL E 212 16.13 -11.72 -34.84
N GLN E 213 16.04 -10.92 -33.78
CA GLN E 213 17.21 -10.82 -32.92
C GLN E 213 17.06 -11.75 -31.76
N PHE E 214 18.08 -12.58 -31.59
CA PHE E 214 18.14 -13.57 -30.55
C PHE E 214 19.06 -13.13 -29.44
N TYR E 215 18.62 -13.34 -28.21
CA TYR E 215 19.42 -12.96 -27.05
C TYR E 215 19.86 -14.26 -26.41
N GLY E 216 21.17 -14.51 -26.46
CA GLY E 216 21.71 -15.74 -25.92
C GLY E 216 22.89 -15.54 -25.02
N LEU E 217 23.95 -16.32 -25.21
CA LEU E 217 25.16 -16.22 -24.36
C LEU E 217 26.02 -14.99 -24.59
N SER E 218 26.82 -14.68 -23.58
CA SER E 218 27.68 -13.51 -23.60
C SER E 218 29.10 -13.82 -24.02
N GLU E 219 29.85 -12.75 -24.17
CA GLU E 219 31.26 -12.82 -24.56
C GLU E 219 32.09 -13.42 -23.41
N ASN E 220 31.46 -13.68 -22.27
CA ASN E 220 32.16 -14.26 -21.13
C ASN E 220 31.62 -15.63 -20.73
N ASP E 221 30.40 -15.95 -21.16
CA ASP E 221 29.83 -17.25 -20.82
C ASP E 221 30.72 -18.35 -21.37
N GLU E 222 30.93 -19.39 -20.57
CA GLU E 222 31.79 -20.50 -20.98
C GLU E 222 31.09 -21.43 -21.96
N TRP E 223 31.83 -21.88 -22.96
CA TRP E 223 31.28 -22.77 -23.96
C TRP E 223 32.37 -23.68 -24.52
N THR E 224 32.42 -24.92 -24.04
CA THR E 224 33.44 -25.85 -24.52
C THR E 224 32.89 -26.84 -25.55
N GLN E 225 31.92 -26.40 -26.35
CA GLN E 225 31.35 -27.31 -27.33
C GLN E 225 31.63 -27.05 -28.79
N ASP E 226 31.48 -28.12 -29.57
CA ASP E 226 31.74 -28.11 -30.99
C ASP E 226 30.83 -27.31 -31.92
N ARG E 227 29.61 -27.02 -31.50
CA ARG E 227 28.72 -26.24 -32.36
C ARG E 227 29.02 -24.80 -32.04
N ALA E 228 28.55 -23.88 -32.87
CA ALA E 228 28.80 -22.46 -32.62
C ALA E 228 28.10 -22.01 -31.32
N LYS E 229 28.82 -21.26 -30.48
CA LYS E 229 28.31 -20.72 -29.23
C LYS E 229 27.01 -19.98 -29.57
N PRO E 230 25.91 -20.31 -28.89
CA PRO E 230 24.59 -19.70 -29.12
C PRO E 230 24.48 -18.26 -28.61
N VAL E 231 25.47 -17.45 -28.97
CA VAL E 231 25.54 -16.06 -28.53
C VAL E 231 24.45 -15.14 -29.11
N THR E 232 24.31 -13.96 -28.50
CA THR E 232 23.35 -12.96 -28.95
C THR E 232 23.72 -12.63 -30.40
N GLN E 233 22.75 -12.75 -31.29
CA GLN E 233 22.96 -12.51 -32.70
C GLN E 233 21.65 -12.23 -33.40
N ILE E 234 21.73 -11.80 -34.65
CA ILE E 234 20.57 -11.50 -35.47
C ILE E 234 20.61 -12.52 -36.59
N VAL E 235 19.47 -13.18 -36.83
CA VAL E 235 19.36 -14.20 -37.87
C VAL E 235 18.21 -13.75 -38.76
N SER E 236 18.50 -13.50 -40.03
CA SER E 236 17.49 -13.05 -40.97
C SER E 236 17.24 -14.01 -42.14
N ALA E 237 16.21 -13.67 -42.91
CA ALA E 237 15.82 -14.39 -44.10
C ALA E 237 15.26 -13.30 -44.99
N GLU E 238 15.21 -13.51 -46.29
CA GLU E 238 14.68 -12.48 -47.17
C GLU E 238 13.93 -13.00 -48.36
N ALA E 239 13.42 -12.08 -49.17
CA ALA E 239 12.68 -12.41 -50.39
C ALA E 239 12.74 -11.20 -51.34
N TRP E 240 12.65 -11.47 -52.65
CA TRP E 240 12.67 -10.39 -53.65
C TRP E 240 11.39 -10.32 -54.45
N GLY E 241 10.99 -9.08 -54.75
CA GLY E 241 9.79 -8.81 -55.52
C GLY E 241 9.81 -9.57 -56.84
N ARG E 242 8.90 -10.52 -56.96
CA ARG E 242 8.76 -11.37 -58.13
C ARG E 242 7.76 -10.78 -59.07
N ALA E 243 7.36 -11.57 -60.04
CA ALA E 243 6.38 -11.24 -61.06
C ALA E 243 6.31 -12.53 -61.86
N ASP E 244 5.68 -13.53 -61.25
CA ASP E 244 5.54 -14.86 -61.84
C ASP E 244 4.60 -14.83 -63.04
#